data_4AY7
#
_entry.id   4AY7
#
_cell.length_a   44.209
_cell.length_b   167.419
_cell.length_c   45.849
_cell.angle_alpha   90.00
_cell.angle_beta   117.36
_cell.angle_gamma   90.00
#
_symmetry.space_group_name_H-M   'P 1 21 1'
#
loop_
_entity.id
_entity.type
_entity.pdbx_description
1 polymer 'METHYLCOBALAMIN\: COENZYME M METHYLTRANSFERASE'
2 non-polymer 'ZINC ION'
3 non-polymer 'MAGNESIUM ION'
4 water water
#
_entity_poly.entity_id   1
_entity_poly.type   'polypeptide(L)'
_entity_poly.pdbx_seq_one_letter_code
;HHHHHHMTDMSEFTLKTRLLAALKGEPVDKVPVCSVTQTGIVELMDVVGAPWPEAHTNPELMAKLALANHELSGLEAVRL
PY(CSD)LTVLVEAMGCEINMGTKNRQPSVTGHPYPKDLEGAAVPADLLQRGRIPVVLEAIKIIREKVGPDVPIVGGMEG
PVTVASDLVSVKSFMKWSIKKTDLLEQALDIATEASIIYANAMVEAGADVIAIADPVASPDLMSPDSFRQFLKSRLQKFA
SSVNSVTVLHICGNVNPILSDMADCGFEGLSVEEKIGSAKKGKEVIGTRARLVGNVSSPFTLLPGPVDKIKAEAKEALEG
GIDVLAPGCGIAPMTPLENVKALVAARDEFYA
;
_entity_poly.pdbx_strand_id   A,B
#
# COMPACT_ATOMS: atom_id res chain seq x y z
N GLU A 12 -9.22 -39.88 4.73
CA GLU A 12 -9.88 -39.84 3.41
C GLU A 12 -9.65 -38.45 2.78
N PHE A 13 -8.40 -37.99 2.74
CA PHE A 13 -8.06 -36.86 1.91
C PHE A 13 -7.99 -37.34 0.49
N THR A 14 -8.29 -36.41 -0.43
CA THR A 14 -8.04 -36.53 -1.88
C THR A 14 -6.83 -35.68 -2.14
N LEU A 15 -6.25 -35.83 -3.33
CA LEU A 15 -5.09 -35.02 -3.64
C LEU A 15 -5.47 -33.54 -3.54
N LYS A 16 -6.69 -33.20 -3.92
CA LYS A 16 -7.15 -31.84 -3.89
C LYS A 16 -7.32 -31.34 -2.46
N THR A 17 -8.05 -32.10 -1.64
CA THR A 17 -8.35 -31.68 -0.24
C THR A 17 -7.07 -31.60 0.59
N ARG A 18 -6.13 -32.49 0.34
CA ARG A 18 -4.84 -32.48 1.06
C ARG A 18 -4.08 -31.23 0.70
N LEU A 19 -4.02 -30.91 -0.62
CA LEU A 19 -3.22 -29.73 -1.03
C LEU A 19 -3.75 -28.47 -0.37
N LEU A 20 -5.04 -28.28 -0.44
CA LEU A 20 -5.68 -27.09 0.10
C LEU A 20 -5.51 -27.04 1.65
N ALA A 21 -5.72 -28.16 2.29
CA ALA A 21 -5.48 -28.25 3.77
C ALA A 21 -4.04 -27.89 4.11
N ALA A 22 -3.11 -28.47 3.38
CA ALA A 22 -1.69 -28.15 3.58
C ALA A 22 -1.31 -26.71 3.49
N LEU A 23 -1.80 -26.06 2.42
CA LEU A 23 -1.53 -24.68 2.17
C LEU A 23 -2.19 -23.80 3.22
N LYS A 24 -3.39 -24.15 3.65
CA LYS A 24 -4.02 -23.36 4.68
C LYS A 24 -3.46 -23.62 6.09
N GLY A 25 -2.66 -24.64 6.27
CA GLY A 25 -2.12 -24.95 7.62
C GLY A 25 -3.04 -25.78 8.47
N GLU A 26 -3.99 -26.42 7.85
CA GLU A 26 -4.84 -27.39 8.54
C GLU A 26 -4.15 -28.74 8.64
N PRO A 27 -4.60 -29.60 9.60
CA PRO A 27 -3.87 -30.87 9.70
C PRO A 27 -4.03 -31.75 8.47
N VAL A 28 -2.95 -32.39 8.12
CA VAL A 28 -2.98 -33.39 7.07
C VAL A 28 -2.34 -34.69 7.48
N ASP A 29 -2.68 -35.74 6.74
CA ASP A 29 -2.09 -37.05 6.93
C ASP A 29 -0.62 -37.09 6.55
N LYS A 30 -0.24 -36.36 5.49
CA LYS A 30 1.12 -36.36 4.97
C LYS A 30 1.36 -35.15 4.08
N VAL A 31 2.61 -34.72 3.90
CA VAL A 31 2.92 -33.54 3.07
C VAL A 31 2.65 -33.90 1.58
N PRO A 32 1.79 -33.11 0.88
CA PRO A 32 1.61 -33.33 -0.59
C PRO A 32 2.87 -33.01 -1.30
N VAL A 33 3.07 -33.68 -2.44
CA VAL A 33 4.24 -33.43 -3.29
C VAL A 33 3.75 -33.02 -4.64
N CYS A 34 4.11 -31.81 -5.00
CA CYS A 34 3.69 -31.29 -6.32
C CYS A 34 4.54 -30.12 -6.71
N SER A 35 4.22 -29.49 -7.87
CA SER A 35 4.89 -28.24 -8.27
C SER A 35 3.89 -27.15 -8.45
N VAL A 36 4.21 -25.98 -7.93
CA VAL A 36 3.42 -24.80 -8.09
C VAL A 36 4.12 -23.94 -9.16
N THR A 37 5.27 -24.36 -9.64
CA THR A 37 6.01 -23.61 -10.61
C THR A 37 5.95 -24.45 -11.93
N GLN A 38 6.52 -23.98 -13.01
CA GLN A 38 6.23 -24.61 -14.30
C GLN A 38 6.76 -26.08 -14.38
N THR A 39 5.97 -26.95 -14.98
CA THR A 39 6.26 -28.39 -15.03
C THR A 39 6.58 -28.98 -16.43
N GLY A 40 6.71 -28.15 -17.44
CA GLY A 40 7.01 -28.63 -18.80
C GLY A 40 8.45 -29.11 -18.94
N ILE A 41 8.64 -30.38 -19.38
CA ILE A 41 10.00 -30.96 -19.52
C ILE A 41 10.09 -31.60 -20.88
N VAL A 42 11.23 -31.43 -21.51
CA VAL A 42 11.46 -31.89 -22.88
C VAL A 42 11.20 -33.37 -23.01
N GLU A 43 11.59 -34.18 -22.03
CA GLU A 43 11.37 -35.65 -22.09
C GLU A 43 9.87 -35.93 -22.34
N LEU A 44 9.00 -35.19 -21.66
CA LEU A 44 7.55 -35.42 -21.75
C LEU A 44 7.00 -34.76 -23.03
N MET A 45 7.58 -33.62 -23.43
CA MET A 45 7.21 -33.00 -24.72
C MET A 45 7.38 -34.06 -25.81
N ASP A 46 8.54 -34.70 -25.81
CA ASP A 46 8.85 -35.78 -26.79
C ASP A 46 7.88 -36.98 -26.70
N VAL A 47 7.60 -37.47 -25.50
CA VAL A 47 6.77 -38.71 -25.31
C VAL A 47 5.36 -38.49 -25.86
N VAL A 48 4.71 -37.40 -25.39
CA VAL A 48 3.31 -37.15 -25.75
C VAL A 48 3.18 -36.14 -26.87
N GLY A 49 4.28 -35.80 -27.57
CA GLY A 49 4.15 -34.93 -28.77
C GLY A 49 3.49 -33.59 -28.52
N ALA A 50 3.88 -32.95 -27.44
CA ALA A 50 3.36 -31.58 -27.10
C ALA A 50 4.55 -30.67 -26.86
N PRO A 51 5.35 -30.41 -27.91
CA PRO A 51 6.50 -29.51 -27.70
C PRO A 51 6.09 -28.04 -27.49
N TRP A 52 6.96 -27.30 -26.82
CA TRP A 52 6.99 -25.85 -26.97
C TRP A 52 7.55 -25.58 -28.33
N PRO A 53 7.12 -24.48 -28.97
CA PRO A 53 6.17 -23.48 -28.52
C PRO A 53 4.70 -23.80 -28.71
N GLU A 54 4.38 -24.83 -29.48
CA GLU A 54 3.01 -25.16 -29.75
C GLU A 54 2.18 -25.44 -28.56
N ALA A 55 2.78 -26.07 -27.53
CA ALA A 55 2.12 -26.27 -26.23
C ALA A 55 1.76 -24.93 -25.52
N HIS A 56 2.30 -23.80 -25.98
CA HIS A 56 1.89 -22.50 -25.44
C HIS A 56 0.66 -21.96 -26.12
N THR A 57 0.36 -22.40 -27.32
CA THR A 57 -0.64 -21.75 -28.19
C THR A 57 -1.87 -22.63 -28.48
N ASN A 58 -1.78 -23.93 -28.24
CA ASN A 58 -2.87 -24.84 -28.56
C ASN A 58 -3.37 -25.42 -27.23
N PRO A 59 -4.67 -25.25 -26.89
CA PRO A 59 -5.11 -25.71 -25.55
C PRO A 59 -5.00 -27.20 -25.34
N GLU A 60 -5.22 -27.96 -26.41
CA GLU A 60 -5.17 -29.41 -26.28
C GLU A 60 -3.75 -29.88 -26.01
N LEU A 61 -2.76 -29.35 -26.69
CA LEU A 61 -1.36 -29.69 -26.37
C LEU A 61 -0.89 -29.17 -25.00
N MET A 62 -1.35 -27.97 -24.63
CA MET A 62 -1.08 -27.45 -23.30
C MET A 62 -1.62 -28.47 -22.22
N ALA A 63 -2.88 -28.89 -22.39
CA ALA A 63 -3.48 -29.86 -21.50
C ALA A 63 -2.64 -31.16 -21.47
N LYS A 64 -2.27 -31.62 -22.66
CA LYS A 64 -1.64 -32.91 -22.85
C LYS A 64 -0.28 -32.93 -22.17
N LEU A 65 0.51 -31.87 -22.28
CA LEU A 65 1.79 -31.82 -21.61
C LEU A 65 1.67 -31.67 -20.08
N ALA A 66 0.64 -30.93 -19.62
CA ALA A 66 0.44 -30.74 -18.15
C ALA A 66 0.09 -32.05 -17.46
N LEU A 67 -0.80 -32.76 -18.12
CA LEU A 67 -1.29 -33.98 -17.57
C LEU A 67 -0.16 -34.99 -17.53
N ALA A 68 0.77 -34.89 -18.48
CA ALA A 68 1.86 -35.84 -18.63
C ALA A 68 2.78 -35.78 -17.43
N ASN A 69 3.02 -34.57 -16.87
CA ASN A 69 3.84 -34.42 -15.68
C ASN A 69 2.99 -34.48 -14.40
N HIS A 70 1.87 -35.20 -14.54
CA HIS A 70 1.04 -35.63 -13.45
C HIS A 70 0.94 -37.13 -13.52
N GLU A 71 0.51 -37.60 -14.68
CA GLU A 71 0.27 -39.01 -14.86
C GLU A 71 1.56 -39.87 -14.93
N LEU A 72 2.64 -39.36 -15.51
CA LEU A 72 3.90 -40.06 -15.56
C LEU A 72 4.85 -39.78 -14.37
N SER A 73 4.72 -38.61 -13.71
CA SER A 73 5.68 -38.25 -12.67
C SER A 73 5.22 -38.56 -11.25
N GLY A 74 3.91 -38.55 -11.05
CA GLY A 74 3.29 -38.73 -9.80
C GLY A 74 3.17 -37.43 -8.98
N LEU A 75 3.50 -36.28 -9.55
CA LEU A 75 3.23 -34.98 -8.87
C LEU A 75 1.74 -34.92 -8.66
N GLU A 76 1.38 -34.44 -7.47
CA GLU A 76 0.01 -34.52 -6.99
C GLU A 76 -0.79 -33.29 -7.29
N ALA A 77 -0.55 -32.66 -8.44
CA ALA A 77 -1.36 -31.52 -8.91
C ALA A 77 -1.07 -31.40 -10.40
N VAL A 78 -1.90 -30.68 -11.12
CA VAL A 78 -1.60 -30.37 -12.53
C VAL A 78 -1.42 -28.88 -12.59
N ARG A 79 -0.30 -28.41 -13.13
CA ARG A 79 0.06 -26.99 -13.14
C ARG A 79 0.18 -26.55 -14.63
N LEU A 80 -0.39 -25.41 -14.91
CA LEU A 80 -0.30 -24.74 -16.22
C LEU A 80 -0.35 -23.24 -16.06
N PRO A 81 0.07 -22.49 -17.09
CA PRO A 81 0.75 -22.89 -18.30
C PRO A 81 2.26 -23.00 -18.07
N TYR A 82 3.07 -22.67 -19.07
CA TYR A 82 4.54 -22.86 -18.98
C TYR A 82 5.37 -21.64 -19.14
N LEU A 84 5.52 -17.11 -18.20
CA LEU A 84 5.12 -15.95 -17.44
C LEU A 84 4.75 -14.76 -18.35
N THR A 85 4.09 -15.05 -19.48
CA THR A 85 3.78 -14.02 -20.46
C THR A 85 2.32 -13.94 -20.90
N VAL A 86 1.47 -14.85 -20.48
CA VAL A 86 0.11 -14.81 -21.00
C VAL A 86 -0.62 -13.48 -20.74
N LEU A 87 -0.57 -13.04 -19.49
CA LEU A 87 -1.33 -11.88 -19.10
C LEU A 87 -0.67 -10.64 -19.71
N VAL A 88 0.65 -10.55 -19.64
CA VAL A 88 1.30 -9.31 -20.13
C VAL A 88 1.08 -9.14 -21.65
N GLU A 89 1.05 -10.24 -22.38
CA GLU A 89 0.70 -10.22 -23.75
C GLU A 89 -0.73 -9.79 -23.98
N ALA A 90 -1.67 -10.31 -23.23
CA ALA A 90 -3.07 -9.85 -23.30
C ALA A 90 -3.19 -8.36 -22.97
N MET A 91 -2.32 -7.87 -22.13
CA MET A 91 -2.21 -6.43 -21.81
C MET A 91 -1.48 -5.57 -22.86
N GLY A 92 -0.94 -6.18 -23.93
CA GLY A 92 -0.33 -5.44 -25.05
C GLY A 92 1.17 -5.65 -25.27
N CYS A 93 1.84 -6.44 -24.41
CA CYS A 93 3.21 -6.81 -24.68
C CYS A 93 3.38 -7.69 -25.94
N GLU A 94 4.52 -7.52 -26.57
CA GLU A 94 4.96 -8.37 -27.66
C GLU A 94 5.90 -9.44 -27.13
N ILE A 95 5.64 -10.69 -27.45
CA ILE A 95 6.35 -11.84 -26.87
C ILE A 95 7.19 -12.61 -27.91
N ASN A 96 8.44 -12.95 -27.57
CA ASN A 96 9.24 -13.88 -28.39
C ASN A 96 8.84 -15.27 -27.88
N MET A 97 8.17 -16.10 -28.69
CA MET A 97 7.58 -17.33 -28.15
C MET A 97 8.63 -18.45 -27.84
N GLY A 98 9.87 -18.26 -28.26
CA GLY A 98 10.94 -19.16 -27.81
C GLY A 98 10.92 -20.48 -28.56
N THR A 99 11.51 -21.49 -27.96
CA THR A 99 11.81 -22.76 -28.62
C THR A 99 11.52 -23.88 -27.66
N LYS A 100 11.79 -25.09 -28.18
CA LYS A 100 11.57 -26.24 -27.40
C LYS A 100 12.17 -26.17 -25.98
N ASN A 101 13.30 -25.50 -25.75
CA ASN A 101 13.76 -25.41 -24.36
C ASN A 101 14.01 -23.97 -23.82
N ARG A 102 13.48 -22.94 -24.51
CA ARG A 102 13.71 -21.56 -24.16
C ARG A 102 12.28 -21.00 -24.03
N GLN A 103 11.92 -20.57 -22.83
CA GLN A 103 10.54 -20.14 -22.51
C GLN A 103 10.22 -18.84 -23.28
N PRO A 104 8.98 -18.53 -23.50
CA PRO A 104 8.63 -17.21 -24.01
C PRO A 104 9.16 -16.07 -23.15
N SER A 105 9.46 -14.94 -23.76
CA SER A 105 9.96 -13.79 -23.06
C SER A 105 9.38 -12.51 -23.69
N VAL A 106 9.21 -11.49 -22.85
CA VAL A 106 8.75 -10.16 -23.37
C VAL A 106 9.83 -9.42 -24.10
N THR A 107 9.55 -9.01 -25.33
CA THR A 107 10.45 -8.16 -26.09
C THR A 107 9.99 -6.76 -26.33
N GLY A 108 8.68 -6.54 -26.30
CA GLY A 108 8.07 -5.22 -26.53
C GLY A 108 7.14 -4.88 -25.40
N HIS A 109 7.29 -3.65 -24.93
CA HIS A 109 6.53 -3.09 -23.78
C HIS A 109 5.59 -1.96 -24.27
N PRO A 110 4.30 -2.04 -23.96
CA PRO A 110 3.36 -1.13 -24.53
C PRO A 110 3.46 0.34 -24.05
N TYR A 111 4.01 0.57 -22.87
CA TYR A 111 4.03 1.92 -22.22
C TYR A 111 5.39 2.25 -21.67
N PRO A 112 6.41 2.23 -22.50
CA PRO A 112 7.77 2.49 -22.04
C PRO A 112 8.13 3.90 -21.63
N LYS A 113 7.41 4.90 -22.12
CA LYS A 113 7.76 6.31 -21.80
C LYS A 113 6.72 7.07 -20.97
N ASP A 114 5.51 6.54 -20.87
CA ASP A 114 4.39 7.21 -20.24
C ASP A 114 3.27 6.19 -20.16
N LEU A 115 2.21 6.57 -19.49
CA LEU A 115 1.07 5.68 -19.34
C LEU A 115 -0.20 6.20 -19.98
N GLU A 116 -0.05 7.00 -21.01
CA GLU A 116 -1.21 7.60 -21.63
C GLU A 116 -2.03 6.57 -22.32
N GLY A 117 -3.28 6.48 -21.92
CA GLY A 117 -4.16 5.49 -22.52
C GLY A 117 -4.09 4.15 -21.84
N ALA A 118 -3.15 3.92 -20.89
CA ALA A 118 -2.98 2.58 -20.27
C ALA A 118 -4.13 2.27 -19.40
N ALA A 119 -4.77 1.13 -19.60
CA ALA A 119 -5.94 0.76 -18.79
C ALA A 119 -6.04 -0.76 -18.88
N VAL A 120 -6.87 -1.36 -18.08
CA VAL A 120 -7.17 -2.72 -18.35
C VAL A 120 -8.27 -2.76 -19.40
N PRO A 121 -8.01 -3.38 -20.53
CA PRO A 121 -9.03 -3.48 -21.57
C PRO A 121 -10.30 -4.24 -21.15
N ALA A 122 -11.47 -3.74 -21.59
CA ALA A 122 -12.72 -4.26 -21.12
C ALA A 122 -12.85 -5.70 -21.51
N ASP A 123 -12.16 -6.10 -22.56
CA ASP A 123 -12.27 -7.44 -23.02
C ASP A 123 -10.99 -8.27 -22.81
N LEU A 124 -10.25 -7.90 -21.76
CA LEU A 124 -9.00 -8.58 -21.39
C LEU A 124 -9.07 -10.09 -21.59
N LEU A 125 -10.15 -10.70 -21.11
CA LEU A 125 -10.21 -12.18 -21.09
C LEU A 125 -10.32 -12.86 -22.46
N GLN A 126 -10.65 -12.11 -23.47
CA GLN A 126 -10.67 -12.61 -24.83
C GLN A 126 -9.38 -12.38 -25.59
N ARG A 127 -8.48 -11.63 -24.98
CA ARG A 127 -7.23 -11.24 -25.60
C ARG A 127 -6.06 -12.20 -25.44
N GLY A 128 -5.19 -12.23 -26.46
CA GLY A 128 -3.98 -13.04 -26.38
C GLY A 128 -4.33 -14.50 -26.25
N ARG A 129 -3.62 -15.17 -25.34
CA ARG A 129 -3.77 -16.60 -25.11
C ARG A 129 -4.53 -16.90 -23.82
N ILE A 130 -5.20 -15.88 -23.27
CA ILE A 130 -6.03 -16.09 -22.10
C ILE A 130 -7.04 -17.18 -22.41
N PRO A 131 -7.69 -17.10 -23.54
CA PRO A 131 -8.61 -18.18 -23.82
C PRO A 131 -7.98 -19.59 -24.04
N VAL A 132 -6.71 -19.68 -24.40
CA VAL A 132 -6.03 -20.98 -24.47
C VAL A 132 -5.89 -21.60 -23.04
N VAL A 133 -5.44 -20.76 -22.10
CA VAL A 133 -5.28 -21.21 -20.73
C VAL A 133 -6.61 -21.60 -20.09
N LEU A 134 -7.65 -20.81 -20.30
CA LEU A 134 -8.94 -21.15 -19.70
C LEU A 134 -9.49 -22.43 -20.29
N GLU A 135 -9.38 -22.60 -21.56
CA GLU A 135 -9.82 -23.81 -22.17
C GLU A 135 -8.99 -25.05 -21.74
N ALA A 136 -7.70 -24.88 -21.55
CA ALA A 136 -6.84 -26.02 -21.13
C ALA A 136 -7.18 -26.48 -19.71
N ILE A 137 -7.54 -25.51 -18.85
CA ILE A 137 -7.97 -25.82 -17.48
C ILE A 137 -9.22 -26.68 -17.53
N LYS A 138 -10.16 -26.31 -18.37
CA LYS A 138 -11.41 -27.12 -18.51
C LYS A 138 -11.14 -28.50 -19.06
N ILE A 139 -10.23 -28.58 -20.01
CA ILE A 139 -9.84 -29.91 -20.55
C ILE A 139 -9.18 -30.78 -19.46
N ILE A 140 -8.27 -30.18 -18.71
CA ILE A 140 -7.61 -30.88 -17.54
C ILE A 140 -8.66 -31.37 -16.51
N ARG A 141 -9.54 -30.47 -16.07
CA ARG A 141 -10.62 -30.84 -15.17
C ARG A 141 -11.45 -31.99 -15.67
N GLU A 142 -11.81 -31.97 -16.94
CA GLU A 142 -12.66 -33.02 -17.44
C GLU A 142 -11.92 -34.34 -17.40
N LYS A 143 -10.63 -34.34 -17.63
CA LYS A 143 -9.88 -35.60 -17.68
C LYS A 143 -9.56 -36.15 -16.28
N VAL A 144 -9.11 -35.30 -15.40
CA VAL A 144 -8.72 -35.78 -14.06
C VAL A 144 -9.85 -35.84 -13.03
N GLY A 145 -10.95 -35.13 -13.28
CA GLY A 145 -12.06 -35.16 -12.34
C GLY A 145 -11.83 -34.26 -11.13
N PRO A 146 -12.75 -34.33 -10.16
CA PRO A 146 -12.83 -33.34 -9.14
C PRO A 146 -11.78 -33.50 -8.05
N ASP A 147 -11.12 -34.66 -7.98
CA ASP A 147 -10.24 -34.94 -6.84
C ASP A 147 -8.74 -34.66 -6.98
N VAL A 148 -8.32 -34.16 -8.12
CA VAL A 148 -6.98 -33.70 -8.38
C VAL A 148 -6.99 -32.21 -8.47
N PRO A 149 -6.07 -31.55 -7.80
CA PRO A 149 -6.06 -30.09 -7.85
C PRO A 149 -5.36 -29.54 -9.12
N ILE A 150 -5.81 -28.39 -9.60
CA ILE A 150 -5.29 -27.70 -10.74
C ILE A 150 -4.74 -26.42 -10.22
N VAL A 151 -3.43 -26.25 -10.44
CA VAL A 151 -2.75 -25.03 -10.10
C VAL A 151 -2.57 -24.11 -11.36
N GLY A 152 -3.14 -22.93 -11.31
CA GLY A 152 -2.97 -21.93 -12.28
C GLY A 152 -1.82 -21.02 -11.97
N GLY A 153 -0.84 -21.01 -12.85
CA GLY A 153 0.32 -20.16 -12.73
C GLY A 153 0.22 -18.92 -13.55
N MET A 154 0.81 -17.83 -13.04
CA MET A 154 0.86 -16.60 -13.79
C MET A 154 1.92 -15.69 -13.21
N GLU A 155 2.34 -14.76 -14.01
CA GLU A 155 3.19 -13.64 -13.62
C GLU A 155 2.41 -12.75 -12.66
N GLY A 156 3.08 -12.30 -11.61
CA GLY A 156 2.44 -11.56 -10.54
C GLY A 156 2.42 -10.06 -10.87
N PRO A 157 1.74 -9.26 -10.05
CA PRO A 157 1.50 -7.89 -10.46
C PRO A 157 2.75 -7.04 -10.56
N VAL A 158 3.79 -7.34 -9.81
CA VAL A 158 4.97 -6.51 -9.92
C VAL A 158 5.59 -6.74 -11.32
N THR A 159 5.73 -8.02 -11.68
CA THR A 159 6.30 -8.37 -12.97
C THR A 159 5.43 -7.89 -14.14
N VAL A 160 4.09 -7.92 -13.97
CA VAL A 160 3.18 -7.40 -14.98
C VAL A 160 3.37 -5.91 -15.14
N ALA A 161 3.53 -5.17 -14.05
CA ALA A 161 3.70 -3.73 -14.15
C ALA A 161 5.01 -3.43 -14.89
N SER A 162 6.05 -4.14 -14.51
CA SER A 162 7.39 -4.00 -15.09
CA SER A 162 7.40 -4.00 -15.08
C SER A 162 7.39 -4.29 -16.58
N ASP A 163 6.63 -5.31 -16.97
CA ASP A 163 6.48 -5.62 -18.43
C ASP A 163 5.61 -4.60 -19.20
N LEU A 164 4.71 -3.87 -18.51
CA LEU A 164 3.90 -2.88 -19.21
C LEU A 164 4.82 -1.75 -19.64
N VAL A 165 5.81 -1.42 -18.79
CA VAL A 165 6.59 -0.20 -18.96
C VAL A 165 8.08 -0.41 -19.27
N SER A 166 8.52 -1.66 -19.26
CA SER A 166 9.97 -2.02 -19.37
C SER A 166 10.58 -2.02 -17.93
N VAL A 167 11.50 -2.94 -17.65
CA VAL A 167 12.08 -2.95 -16.34
C VAL A 167 12.96 -1.70 -16.16
N LYS A 168 13.54 -1.20 -17.24
CA LYS A 168 14.34 0.01 -17.13
C LYS A 168 13.53 1.27 -16.69
N SER A 169 12.33 1.44 -17.26
CA SER A 169 11.44 2.54 -16.86
C SER A 169 10.94 2.28 -15.45
N PHE A 170 10.59 1.05 -15.17
CA PHE A 170 10.06 0.67 -13.84
C PHE A 170 11.06 1.02 -12.73
N MET A 171 12.32 0.66 -12.90
CA MET A 171 13.33 0.98 -11.90
CA MET A 171 13.36 0.98 -11.92
C MET A 171 13.54 2.48 -11.77
N LYS A 172 13.64 3.17 -12.91
CA LYS A 172 13.87 4.61 -12.91
C LYS A 172 12.71 5.35 -12.26
N TRP A 173 11.47 4.95 -12.54
CA TRP A 173 10.31 5.57 -11.92
C TRP A 173 10.17 5.31 -10.44
N SER A 174 10.66 4.15 -10.01
CA SER A 174 10.64 3.81 -8.59
C SER A 174 11.36 4.84 -7.71
N ILE A 175 12.40 5.47 -8.27
CA ILE A 175 13.13 6.59 -7.61
C ILE A 175 12.60 7.96 -8.02
N LYS A 176 12.34 8.17 -9.30
CA LYS A 176 12.15 9.52 -9.81
C LYS A 176 10.72 9.90 -10.12
N LYS A 177 9.83 8.94 -10.39
CA LYS A 177 8.44 9.25 -10.70
C LYS A 177 7.54 8.24 -10.05
N THR A 178 7.42 8.27 -8.73
CA THR A 178 6.74 7.23 -8.03
C THR A 178 5.24 7.24 -8.35
N ASP A 179 4.69 8.37 -8.80
CA ASP A 179 3.30 8.37 -9.25
C ASP A 179 3.10 7.43 -10.41
N LEU A 180 4.06 7.42 -11.35
CA LEU A 180 3.97 6.55 -12.50
C LEU A 180 4.17 5.06 -12.13
N LEU A 181 5.18 4.85 -11.33
CA LEU A 181 5.34 3.57 -10.68
C LEU A 181 4.03 3.04 -10.06
N GLU A 182 3.38 3.87 -9.23
CA GLU A 182 2.10 3.46 -8.66
C GLU A 182 0.93 3.28 -9.58
N GLN A 183 0.85 4.12 -10.60
CA GLN A 183 -0.21 3.92 -11.60
C GLN A 183 -0.05 2.60 -12.31
N ALA A 184 1.18 2.26 -12.69
CA ALA A 184 1.42 0.96 -13.36
C ALA A 184 1.10 -0.26 -12.50
N LEU A 185 1.58 -0.21 -11.26
CA LEU A 185 1.28 -1.24 -10.28
C LEU A 185 -0.21 -1.39 -10.10
N ASP A 186 -0.97 -0.30 -10.06
CA ASP A 186 -2.39 -0.41 -9.92
C ASP A 186 -3.09 -1.03 -11.10
N ILE A 187 -2.72 -0.65 -12.33
CA ILE A 187 -3.30 -1.26 -13.51
C ILE A 187 -2.90 -2.75 -13.56
N ALA A 188 -1.59 -3.04 -13.34
CA ALA A 188 -1.11 -4.44 -13.30
C ALA A 188 -1.88 -5.26 -12.27
N THR A 189 -2.19 -4.70 -11.07
CA THR A 189 -2.85 -5.50 -10.03
C THR A 189 -4.29 -5.79 -10.41
N GLU A 190 -4.94 -4.81 -11.02
CA GLU A 190 -6.29 -4.95 -11.44
C GLU A 190 -6.39 -6.09 -12.49
N ALA A 191 -5.53 -6.00 -13.49
CA ALA A 191 -5.52 -7.00 -14.59
C ALA A 191 -5.23 -8.37 -13.97
N SER A 192 -4.30 -8.42 -13.05
CA SER A 192 -3.88 -9.71 -12.42
C SER A 192 -5.06 -10.39 -11.72
N ILE A 193 -5.85 -9.60 -11.00
CA ILE A 193 -6.94 -10.16 -10.22
C ILE A 193 -8.01 -10.69 -11.19
N ILE A 194 -8.28 -9.92 -12.23
CA ILE A 194 -9.27 -10.33 -13.25
C ILE A 194 -8.89 -11.70 -13.86
N TYR A 195 -7.65 -11.83 -14.28
CA TYR A 195 -7.18 -13.09 -14.94
C TYR A 195 -7.18 -14.23 -13.95
N ALA A 196 -6.64 -13.98 -12.75
CA ALA A 196 -6.62 -15.01 -11.68
C ALA A 196 -8.04 -15.57 -11.39
N ASN A 197 -9.01 -14.69 -11.16
CA ASN A 197 -10.36 -15.13 -10.97
C ASN A 197 -10.98 -15.86 -12.10
N ALA A 198 -10.61 -15.49 -13.34
CA ALA A 198 -11.02 -16.27 -14.48
C ALA A 198 -10.49 -17.67 -14.44
N MET A 199 -9.20 -17.84 -14.12
CA MET A 199 -8.67 -19.21 -13.98
C MET A 199 -9.41 -20.00 -12.89
N VAL A 200 -9.75 -19.34 -11.78
CA VAL A 200 -10.54 -19.97 -10.75
C VAL A 200 -11.88 -20.41 -11.33
N GLU A 201 -12.58 -19.49 -12.04
CA GLU A 201 -13.90 -19.82 -12.62
C GLU A 201 -13.77 -20.96 -13.61
N ALA A 202 -12.63 -21.07 -14.28
CA ALA A 202 -12.41 -22.17 -15.24
C ALA A 202 -12.15 -23.50 -14.56
N GLY A 203 -11.71 -23.47 -13.29
CA GLY A 203 -11.52 -24.71 -12.55
C GLY A 203 -10.21 -24.87 -11.74
N ALA A 204 -9.36 -23.83 -11.72
CA ALA A 204 -8.13 -23.81 -10.90
C ALA A 204 -8.51 -23.74 -9.45
N ASP A 205 -7.77 -24.47 -8.64
CA ASP A 205 -7.97 -24.60 -7.18
C ASP A 205 -7.03 -23.73 -6.38
N VAL A 206 -5.83 -23.53 -6.94
CA VAL A 206 -4.80 -22.71 -6.36
C VAL A 206 -4.34 -21.78 -7.46
N ILE A 207 -4.07 -20.51 -7.16
CA ILE A 207 -3.42 -19.62 -8.12
C ILE A 207 -2.07 -19.40 -7.49
N ALA A 208 -1.02 -19.72 -8.24
CA ALA A 208 0.35 -19.46 -7.90
C ALA A 208 1.00 -18.40 -8.76
N ILE A 209 1.37 -17.26 -8.14
CA ILE A 209 1.97 -16.24 -8.92
C ILE A 209 3.48 -16.26 -8.77
N ALA A 210 4.16 -15.98 -9.85
CA ALA A 210 5.58 -15.90 -9.84
C ALA A 210 5.93 -14.46 -10.09
N ASP A 211 6.62 -13.81 -9.19
CA ASP A 211 6.87 -12.45 -9.33
C ASP A 211 8.33 -12.09 -9.18
N PRO A 212 9.14 -12.49 -10.15
CA PRO A 212 10.58 -12.26 -10.01
C PRO A 212 11.03 -10.82 -9.88
N VAL A 213 10.35 -9.85 -10.49
CA VAL A 213 10.73 -8.42 -10.36
C VAL A 213 10.68 -7.95 -8.87
N ALA A 214 9.87 -8.57 -8.05
CA ALA A 214 9.77 -8.18 -6.63
C ALA A 214 10.98 -8.66 -5.81
N SER A 215 11.84 -9.46 -6.40
CA SER A 215 13.04 -9.97 -5.76
C SER A 215 14.00 -8.87 -5.34
N PRO A 216 14.61 -8.99 -4.13
CA PRO A 216 15.67 -8.09 -3.74
C PRO A 216 16.79 -8.09 -4.77
N ASP A 217 16.89 -9.10 -5.62
CA ASP A 217 17.91 -9.07 -6.65
C ASP A 217 17.64 -7.95 -7.66
N LEU A 218 16.37 -7.50 -7.78
CA LEU A 218 15.95 -6.49 -8.81
C LEU A 218 15.39 -5.22 -8.14
N MET A 219 14.57 -5.34 -7.08
CA MET A 219 14.01 -4.16 -6.36
C MET A 219 14.45 -4.20 -4.89
N SER A 220 14.85 -3.05 -4.34
CA SER A 220 15.21 -2.93 -2.97
C SER A 220 14.09 -3.41 -2.04
N PRO A 221 14.46 -4.03 -0.91
CA PRO A 221 13.53 -4.40 0.12
C PRO A 221 12.71 -3.23 0.64
N ASP A 222 13.37 -2.08 0.80
CA ASP A 222 12.65 -0.88 1.13
C ASP A 222 11.54 -0.57 0.11
N SER A 223 11.81 -0.79 -1.19
CA SER A 223 10.80 -0.59 -2.22
CA SER A 223 10.80 -0.57 -2.25
C SER A 223 9.70 -1.62 -2.20
N PHE A 224 10.07 -2.87 -1.81
CA PHE A 224 9.07 -3.88 -1.63
C PHE A 224 8.05 -3.40 -0.57
N ARG A 225 8.56 -2.95 0.57
CA ARG A 225 7.68 -2.54 1.68
C ARG A 225 6.92 -1.28 1.38
N GLN A 226 7.54 -0.36 0.67
CA GLN A 226 6.89 0.92 0.41
C GLN A 226 5.78 0.82 -0.67
N PHE A 227 6.07 0.06 -1.75
CA PHE A 227 5.18 0.00 -2.95
C PHE A 227 4.58 -1.33 -3.37
N LEU A 228 5.32 -2.41 -3.14
CA LEU A 228 4.96 -3.72 -3.72
C LEU A 228 4.04 -4.49 -2.82
N LYS A 229 4.31 -4.50 -1.51
CA LYS A 229 3.56 -5.29 -0.55
C LYS A 229 2.05 -5.01 -0.65
N SER A 230 1.67 -3.74 -0.73
CA SER A 230 0.24 -3.40 -0.78
C SER A 230 -0.49 -3.95 -1.98
N ARG A 231 0.19 -4.03 -3.14
CA ARG A 231 -0.45 -4.60 -4.27
C ARG A 231 -0.56 -6.09 -4.15
N LEU A 232 0.49 -6.74 -3.69
CA LEU A 232 0.42 -8.23 -3.44
C LEU A 232 -0.67 -8.59 -2.42
N GLN A 233 -0.79 -7.80 -1.33
CA GLN A 233 -1.93 -7.89 -0.40
C GLN A 233 -3.28 -7.74 -1.08
N LYS A 234 -3.39 -6.80 -2.01
CA LYS A 234 -4.66 -6.58 -2.70
C LYS A 234 -4.98 -7.76 -3.59
N PHE A 235 -3.94 -8.28 -4.28
CA PHE A 235 -4.17 -9.47 -5.08
C PHE A 235 -4.70 -10.65 -4.26
N ALA A 236 -4.00 -10.97 -3.18
CA ALA A 236 -4.32 -12.17 -2.37
C ALA A 236 -5.68 -12.00 -1.80
N SER A 237 -6.01 -10.77 -1.42
CA SER A 237 -7.35 -10.58 -0.83
C SER A 237 -8.51 -10.61 -1.83
N SER A 238 -8.23 -10.31 -3.09
CA SER A 238 -9.28 -10.19 -4.09
C SER A 238 -9.52 -11.43 -4.94
N VAL A 239 -8.57 -12.35 -4.89
CA VAL A 239 -8.60 -13.59 -5.66
C VAL A 239 -9.34 -14.67 -4.88
N ASN A 240 -10.30 -15.28 -5.54
CA ASN A 240 -11.28 -16.19 -4.92
C ASN A 240 -10.81 -17.63 -4.82
N SER A 241 -9.56 -17.81 -4.40
CA SER A 241 -9.02 -19.16 -4.11
C SER A 241 -7.84 -19.04 -3.18
N VAL A 242 -7.39 -20.20 -2.70
CA VAL A 242 -6.07 -20.34 -2.14
C VAL A 242 -5.05 -19.84 -3.14
N THR A 243 -4.11 -19.03 -2.62
CA THR A 243 -3.02 -18.50 -3.43
C THR A 243 -1.64 -18.81 -2.85
N VAL A 244 -0.64 -18.74 -3.72
CA VAL A 244 0.76 -18.98 -3.42
C VAL A 244 1.60 -17.91 -4.11
N LEU A 245 2.57 -17.36 -3.40
CA LEU A 245 3.47 -16.36 -3.93
C LEU A 245 4.87 -16.97 -4.06
N HIS A 246 5.40 -16.91 -5.27
CA HIS A 246 6.75 -17.37 -5.53
C HIS A 246 7.62 -16.21 -5.93
N ILE A 247 8.70 -15.93 -5.20
CA ILE A 247 9.59 -14.83 -5.59
C ILE A 247 10.96 -15.44 -5.62
N CYS A 248 11.56 -15.42 -6.81
CA CYS A 248 12.81 -16.13 -7.05
C CYS A 248 13.88 -15.34 -6.32
N GLY A 249 15.00 -15.97 -6.06
CA GLY A 249 16.19 -15.23 -5.66
C GLY A 249 16.39 -15.23 -4.14
N ASN A 250 17.36 -14.41 -3.72
CA ASN A 250 17.74 -14.25 -2.28
C ASN A 250 16.67 -13.36 -1.59
N VAL A 251 15.50 -13.93 -1.31
CA VAL A 251 14.39 -13.22 -0.71
C VAL A 251 14.47 -13.11 0.82
N ASN A 252 15.52 -13.58 1.52
CA ASN A 252 15.50 -13.44 2.99
C ASN A 252 15.20 -12.01 3.51
N PRO A 253 15.69 -10.96 2.78
CA PRO A 253 15.47 -9.59 3.34
C PRO A 253 14.03 -9.10 3.26
N ILE A 254 13.18 -9.87 2.61
CA ILE A 254 11.78 -9.60 2.53
C ILE A 254 10.88 -10.76 2.84
N LEU A 255 11.46 -11.91 3.20
CA LEU A 255 10.69 -13.10 3.54
C LEU A 255 9.61 -12.82 4.57
N SER A 256 9.95 -12.12 5.65
CA SER A 256 8.96 -11.80 6.70
C SER A 256 7.83 -10.86 6.17
N ASP A 257 8.18 -9.99 5.24
CA ASP A 257 7.22 -9.08 4.57
C ASP A 257 6.35 -9.87 3.61
N MET A 258 6.91 -10.85 2.89
CA MET A 258 6.12 -11.73 2.07
C MET A 258 5.04 -12.45 2.88
N ALA A 259 5.41 -12.85 4.11
CA ALA A 259 4.53 -13.59 4.97
C ALA A 259 3.37 -12.75 5.45
N ASP A 260 3.49 -11.43 5.39
CA ASP A 260 2.38 -10.51 5.68
C ASP A 260 1.48 -10.16 4.46
N CYS A 261 1.66 -10.80 3.28
CA CYS A 261 0.93 -10.34 2.07
C CYS A 261 -0.40 -11.05 1.89
N GLY A 262 -0.71 -12.01 2.75
CA GLY A 262 -2.00 -12.67 2.65
C GLY A 262 -2.16 -13.88 1.78
N PHE A 263 -1.04 -14.40 1.30
CA PHE A 263 -1.03 -15.64 0.56
C PHE A 263 -0.98 -16.80 1.52
N GLU A 264 -1.72 -17.86 1.25
CA GLU A 264 -1.60 -19.07 2.05
C GLU A 264 -0.18 -19.59 2.09
N GLY A 265 0.38 -19.75 0.92
CA GLY A 265 1.71 -20.32 0.82
C GLY A 265 2.69 -19.38 0.20
N LEU A 266 3.93 -19.55 0.63
CA LEU A 266 5.08 -19.00 0.03
C LEU A 266 6.02 -20.05 -0.59
N SER A 267 6.33 -19.86 -1.87
CA SER A 267 7.20 -20.81 -2.64
C SER A 267 8.52 -20.14 -2.73
N VAL A 268 9.55 -20.86 -2.28
CA VAL A 268 10.88 -20.31 -2.15
C VAL A 268 11.96 -21.30 -2.72
N GLU A 269 13.06 -20.70 -3.11
CA GLU A 269 14.17 -21.44 -3.65
C GLU A 269 15.05 -21.91 -2.53
N GLU A 270 15.83 -22.91 -2.87
CA GLU A 270 16.82 -23.52 -2.01
C GLU A 270 17.86 -22.49 -1.50
N LYS A 271 18.16 -21.51 -2.36
CA LYS A 271 19.15 -20.43 -2.14
C LYS A 271 19.04 -19.80 -0.79
N ILE A 272 17.83 -19.59 -0.30
CA ILE A 272 17.67 -18.83 0.93
C ILE A 272 18.01 -19.59 2.27
N GLY A 273 18.32 -20.88 2.18
CA GLY A 273 18.66 -21.63 3.35
C GLY A 273 17.68 -22.74 3.50
N SER A 274 17.67 -23.33 4.70
CA SER A 274 16.90 -24.51 4.94
C SER A 274 15.41 -24.24 5.09
N ALA A 275 14.62 -25.23 4.84
CA ALA A 275 13.20 -25.09 5.12
C ALA A 275 12.98 -24.74 6.65
N LYS A 276 13.76 -25.34 7.53
CA LYS A 276 13.65 -25.10 8.95
C LYS A 276 13.85 -23.60 9.23
N LYS A 277 14.80 -22.98 8.53
CA LYS A 277 15.11 -21.62 8.79
C LYS A 277 13.94 -20.75 8.23
N GLY A 278 13.51 -21.07 7.01
CA GLY A 278 12.38 -20.36 6.44
C GLY A 278 11.15 -20.40 7.34
N LYS A 279 10.86 -21.58 7.93
CA LYS A 279 9.68 -21.75 8.81
C LYS A 279 9.80 -20.89 10.04
N GLU A 280 11.03 -20.72 10.54
CA GLU A 280 11.27 -19.88 11.71
C GLU A 280 10.95 -18.42 11.43
N VAL A 281 11.33 -17.96 10.23
CA VAL A 281 11.07 -16.56 9.82
C VAL A 281 9.57 -16.30 9.65
N ILE A 282 8.87 -17.19 8.99
CA ILE A 282 7.51 -16.93 8.68
C ILE A 282 6.52 -17.31 9.74
N GLY A 283 6.87 -18.23 10.67
CA GLY A 283 6.10 -18.39 11.88
C GLY A 283 4.76 -18.99 11.53
N THR A 284 3.69 -18.40 12.00
CA THR A 284 2.33 -18.94 11.75
C THR A 284 1.65 -18.20 10.53
N ARG A 285 2.34 -17.29 9.93
CA ARG A 285 1.70 -16.33 9.02
C ARG A 285 1.45 -16.86 7.61
N ALA A 286 2.26 -17.82 7.17
CA ALA A 286 2.08 -18.44 5.86
C ALA A 286 2.76 -19.82 5.93
N ARG A 287 2.38 -20.69 5.02
CA ARG A 287 3.03 -21.99 4.89
C ARG A 287 4.11 -21.94 3.86
N LEU A 288 4.99 -22.93 3.87
CA LEU A 288 6.19 -22.94 3.01
C LEU A 288 6.16 -24.08 1.99
N VAL A 289 6.36 -23.71 0.72
CA VAL A 289 6.30 -24.62 -0.38
C VAL A 289 7.70 -24.64 -1.01
N GLY A 290 8.20 -25.84 -1.26
CA GLY A 290 9.55 -25.96 -1.85
C GLY A 290 10.27 -27.19 -1.35
N ASN A 291 11.60 -27.23 -1.34
CA ASN A 291 12.50 -26.16 -1.82
C ASN A 291 13.68 -26.73 -2.64
N VAL A 292 13.41 -27.81 -3.38
CA VAL A 292 14.51 -28.57 -3.91
C VAL A 292 15.03 -27.82 -5.15
N SER A 293 16.36 -27.61 -5.19
CA SER A 293 16.94 -26.69 -6.17
C SER A 293 16.66 -27.18 -7.58
N SER A 294 15.97 -26.39 -8.37
CA SER A 294 15.76 -26.79 -9.78
C SER A 294 17.07 -26.89 -10.62
N PRO A 295 17.92 -25.86 -10.60
CA PRO A 295 19.13 -25.93 -11.43
C PRO A 295 20.23 -26.82 -10.90
N PHE A 296 20.39 -26.99 -9.57
CA PHE A 296 21.52 -27.75 -9.04
C PHE A 296 21.19 -29.10 -8.41
N THR A 297 19.93 -29.47 -8.37
CA THR A 297 19.63 -30.77 -7.86
C THR A 297 18.69 -31.52 -8.75
N LEU A 298 17.57 -30.89 -9.05
CA LEU A 298 16.57 -31.61 -9.79
C LEU A 298 17.03 -31.87 -11.25
N LEU A 299 17.71 -30.90 -11.86
CA LEU A 299 18.10 -30.97 -13.26
C LEU A 299 19.23 -32.00 -13.38
N PRO A 300 20.33 -31.86 -12.58
CA PRO A 300 21.43 -32.80 -12.76
C PRO A 300 21.27 -34.12 -12.07
N GLY A 301 20.37 -34.22 -11.10
CA GLY A 301 20.39 -35.32 -10.19
C GLY A 301 21.75 -35.39 -9.46
N PRO A 302 22.15 -36.58 -9.02
CA PRO A 302 21.44 -37.84 -9.25
C PRO A 302 20.21 -38.05 -8.34
N VAL A 303 19.52 -39.16 -8.59
CA VAL A 303 18.26 -39.42 -7.89
C VAL A 303 18.46 -39.36 -6.35
N ASP A 304 19.55 -39.93 -5.88
CA ASP A 304 19.77 -40.00 -4.45
C ASP A 304 20.06 -38.69 -3.80
N LYS A 305 20.59 -37.73 -4.58
CA LYS A 305 20.79 -36.38 -4.08
C LYS A 305 19.47 -35.63 -3.96
N ILE A 306 18.57 -35.83 -4.93
CA ILE A 306 17.21 -35.28 -4.90
C ILE A 306 16.49 -35.85 -3.67
N LYS A 307 16.58 -37.15 -3.44
CA LYS A 307 15.85 -37.76 -2.29
C LYS A 307 16.40 -37.26 -0.95
N ALA A 308 17.71 -37.14 -0.87
CA ALA A 308 18.33 -36.61 0.32
C ALA A 308 17.88 -35.15 0.66
N GLU A 309 17.84 -34.29 -0.32
CA GLU A 309 17.49 -32.88 -0.11
C GLU A 309 16.00 -32.75 0.12
N ALA A 310 15.19 -33.61 -0.52
CA ALA A 310 13.74 -33.73 -0.24
C ALA A 310 13.48 -34.08 1.20
N LYS A 311 14.14 -35.17 1.62
CA LYS A 311 14.05 -35.63 3.01
C LYS A 311 14.39 -34.53 4.01
N GLU A 312 15.48 -33.83 3.77
CA GLU A 312 15.83 -32.67 4.56
C GLU A 312 14.70 -31.58 4.65
N ALA A 313 14.09 -31.17 3.54
CA ALA A 313 12.95 -30.29 3.57
C ALA A 313 11.76 -30.82 4.37
N LEU A 314 11.45 -32.11 4.20
CA LEU A 314 10.39 -32.72 4.96
C LEU A 314 10.69 -32.68 6.46
N GLU A 315 11.92 -33.04 6.85
CA GLU A 315 12.30 -33.03 8.26
C GLU A 315 12.26 -31.62 8.86
N GLY A 316 12.50 -30.65 7.99
CA GLY A 316 12.59 -29.25 8.28
C GLY A 316 11.24 -28.62 8.39
N GLY A 317 10.20 -29.36 8.04
CA GLY A 317 8.83 -28.89 8.16
C GLY A 317 8.15 -28.22 6.97
N ILE A 318 8.71 -28.39 5.76
CA ILE A 318 8.05 -27.92 4.56
C ILE A 318 6.60 -28.37 4.54
N ASP A 319 5.72 -27.50 4.07
CA ASP A 319 4.31 -27.79 4.06
C ASP A 319 3.83 -28.51 2.83
N VAL A 320 4.44 -28.17 1.72
CA VAL A 320 4.20 -28.76 0.41
C VAL A 320 5.57 -29.00 -0.24
N LEU A 321 5.89 -30.27 -0.48
CA LEU A 321 7.22 -30.60 -1.03
C LEU A 321 7.17 -30.32 -2.53
N ALA A 322 8.14 -29.54 -3.00
CA ALA A 322 8.11 -29.07 -4.41
C ALA A 322 9.48 -28.59 -4.86
N PRO A 323 9.67 -28.41 -6.22
CA PRO A 323 10.86 -27.76 -6.73
C PRO A 323 10.94 -26.32 -6.16
N GLY A 324 12.14 -25.80 -6.02
CA GLY A 324 12.29 -24.46 -5.59
C GLY A 324 11.91 -23.40 -6.64
N CYS A 325 12.06 -23.70 -7.91
CA CYS A 325 11.77 -22.75 -8.98
C CYS A 325 11.11 -23.56 -10.08
N GLY A 326 10.83 -22.95 -11.24
CA GLY A 326 10.33 -23.77 -12.36
C GLY A 326 11.30 -24.93 -12.64
N ILE A 327 10.75 -26.06 -13.05
CA ILE A 327 11.57 -27.22 -13.41
C ILE A 327 12.35 -26.86 -14.66
N ALA A 328 13.65 -27.10 -14.66
CA ALA A 328 14.40 -26.87 -15.90
C ALA A 328 13.86 -27.83 -17.01
N PRO A 329 13.72 -27.33 -18.23
CA PRO A 329 13.15 -28.14 -19.28
C PRO A 329 13.93 -29.44 -19.57
N MET A 330 15.23 -29.46 -19.39
CA MET A 330 15.99 -30.70 -19.61
C MET A 330 16.06 -31.64 -18.40
N THR A 331 15.25 -31.37 -17.37
CA THR A 331 15.15 -32.29 -16.26
C THR A 331 14.61 -33.69 -16.68
N PRO A 332 15.36 -34.73 -16.40
CA PRO A 332 14.80 -36.08 -16.66
C PRO A 332 13.59 -36.41 -15.84
N LEU A 333 12.65 -37.12 -16.45
CA LEU A 333 11.47 -37.62 -15.76
C LEU A 333 11.82 -38.33 -14.42
N GLU A 334 12.83 -39.18 -14.43
CA GLU A 334 13.14 -39.97 -13.26
C GLU A 334 13.53 -39.02 -12.10
N ASN A 335 14.07 -37.87 -12.41
CA ASN A 335 14.48 -36.91 -11.37
C ASN A 335 13.24 -36.26 -10.73
N VAL A 336 12.22 -36.02 -11.52
CA VAL A 336 10.93 -35.52 -10.93
C VAL A 336 10.27 -36.60 -10.05
N LYS A 337 10.32 -37.84 -10.53
CA LYS A 337 9.77 -38.96 -9.80
C LYS A 337 10.49 -39.23 -8.46
N ALA A 338 11.76 -38.84 -8.39
CA ALA A 338 12.57 -38.97 -7.19
C ALA A 338 12.00 -38.08 -6.12
N LEU A 339 11.40 -36.94 -6.44
CA LEU A 339 10.70 -36.16 -5.40
C LEU A 339 9.57 -36.87 -4.68
N VAL A 340 8.73 -37.49 -5.45
CA VAL A 340 7.58 -38.20 -5.01
C VAL A 340 8.04 -39.39 -4.21
N ALA A 341 9.06 -40.10 -4.71
CA ALA A 341 9.61 -41.25 -3.96
C ALA A 341 10.15 -40.83 -2.56
N ALA A 342 10.87 -39.71 -2.48
CA ALA A 342 11.34 -39.22 -1.20
C ALA A 342 10.18 -38.98 -0.20
N ARG A 343 9.07 -38.47 -0.72
CA ARG A 343 7.95 -38.17 0.14
C ARG A 343 7.41 -39.52 0.63
N ASP A 344 7.21 -40.46 -0.29
CA ASP A 344 6.62 -41.75 0.14
C ASP A 344 7.48 -42.50 1.20
N GLU A 345 8.79 -42.34 1.05
CA GLU A 345 9.78 -42.95 1.91
C GLU A 345 9.75 -42.39 3.34
N PHE A 346 9.55 -41.10 3.44
CA PHE A 346 9.50 -40.40 4.72
C PHE A 346 8.38 -41.01 5.56
N TYR A 347 7.31 -41.45 4.93
CA TYR A 347 6.18 -42.00 5.65
C TYR A 347 6.25 -43.53 5.68
N ALA A 348 7.47 -44.03 5.40
CA ALA A 348 7.83 -45.47 5.39
C ALA A 348 7.12 -46.08 4.18
N GLU B 12 -20.76 25.99 -11.99
CA GLU B 12 -21.63 25.24 -11.04
C GLU B 12 -20.68 24.49 -10.10
N PHE B 13 -20.03 25.24 -9.22
CA PHE B 13 -19.27 24.62 -8.17
C PHE B 13 -20.15 24.69 -6.92
N THR B 14 -19.93 23.76 -6.00
CA THR B 14 -20.45 23.90 -4.65
C THR B 14 -19.27 24.10 -3.76
N LEU B 15 -19.49 24.31 -2.47
CA LEU B 15 -18.32 24.48 -1.63
C LEU B 15 -17.41 23.25 -1.71
N LYS B 16 -17.99 22.06 -1.80
CA LYS B 16 -17.24 20.81 -1.74
C LYS B 16 -16.51 20.63 -3.03
N THR B 17 -17.20 20.85 -4.14
CA THR B 17 -16.54 20.49 -5.41
C THR B 17 -15.47 21.51 -5.79
N ARG B 18 -15.63 22.75 -5.34
CA ARG B 18 -14.57 23.76 -5.41
C ARG B 18 -13.32 23.43 -4.59
N LEU B 19 -13.50 22.99 -3.33
CA LEU B 19 -12.35 22.71 -2.54
C LEU B 19 -11.63 21.52 -3.17
N LEU B 20 -12.36 20.49 -3.61
CA LEU B 20 -11.65 19.35 -4.14
C LEU B 20 -10.88 19.69 -5.43
N ALA B 21 -11.52 20.46 -6.31
CA ALA B 21 -10.91 20.88 -7.59
C ALA B 21 -9.70 21.74 -7.32
N ALA B 22 -9.80 22.61 -6.31
CA ALA B 22 -8.71 23.51 -6.01
C ALA B 22 -7.51 22.72 -5.53
N LEU B 23 -7.75 21.76 -4.66
CA LEU B 23 -6.66 21.03 -4.07
C LEU B 23 -6.02 20.09 -5.09
N LYS B 24 -6.81 19.48 -5.97
CA LYS B 24 -6.22 18.69 -7.06
C LYS B 24 -5.56 19.49 -8.20
N GLY B 25 -5.71 20.78 -8.21
CA GLY B 25 -5.14 21.63 -9.28
C GLY B 25 -5.99 21.70 -10.54
N GLU B 26 -7.24 21.36 -10.43
CA GLU B 26 -8.14 21.52 -11.53
C GLU B 26 -8.71 22.96 -11.60
N PRO B 27 -9.23 23.35 -12.77
CA PRO B 27 -9.66 24.75 -12.89
C PRO B 27 -10.85 25.09 -11.99
N VAL B 28 -10.80 26.26 -11.40
CA VAL B 28 -11.86 26.68 -10.46
C VAL B 28 -12.28 28.05 -10.88
N ASP B 29 -13.50 28.42 -10.49
CA ASP B 29 -14.07 29.75 -10.67
C ASP B 29 -13.46 30.81 -9.73
N LYS B 30 -13.09 30.40 -8.50
CA LYS B 30 -12.41 31.30 -7.55
C LYS B 30 -11.71 30.40 -6.53
N VAL B 31 -10.69 30.95 -5.87
CA VAL B 31 -10.01 30.30 -4.75
C VAL B 31 -10.94 30.13 -3.52
N PRO B 32 -11.03 28.92 -2.99
CA PRO B 32 -11.81 28.69 -1.80
C PRO B 32 -11.09 29.26 -0.58
N VAL B 33 -11.87 29.67 0.42
CA VAL B 33 -11.31 30.18 1.65
C VAL B 33 -11.82 29.34 2.78
N CYS B 34 -10.89 28.70 3.44
CA CYS B 34 -11.24 27.85 4.63
C CYS B 34 -10.07 27.59 5.51
N SER B 35 -10.21 26.67 6.44
CA SER B 35 -9.09 26.28 7.27
C SER B 35 -8.94 24.79 7.27
N VAL B 36 -7.72 24.33 7.03
CA VAL B 36 -7.42 22.93 7.17
C VAL B 36 -6.75 22.62 8.51
N THR B 37 -6.49 23.64 9.27
CA THR B 37 -5.93 23.53 10.61
C THR B 37 -7.03 23.86 11.60
N GLN B 38 -6.72 23.82 12.88
CA GLN B 38 -7.80 23.84 13.86
C GLN B 38 -8.56 25.17 13.90
N THR B 39 -9.87 25.06 14.08
CA THR B 39 -10.81 26.15 14.02
C THR B 39 -11.58 26.48 15.27
N GLY B 40 -11.22 25.87 16.40
CA GLY B 40 -11.91 26.25 17.64
C GLY B 40 -11.42 27.56 18.20
N ILE B 41 -12.39 28.43 18.50
CA ILE B 41 -12.04 29.78 19.00
C ILE B 41 -12.99 30.12 20.18
N VAL B 42 -12.40 30.78 21.17
CA VAL B 42 -13.05 31.03 22.42
C VAL B 42 -14.28 31.88 22.22
N GLU B 43 -14.22 32.86 21.31
CA GLU B 43 -15.42 33.66 21.00
C GLU B 43 -16.62 32.80 20.61
N LEU B 44 -16.39 31.76 19.85
CA LEU B 44 -17.49 30.87 19.40
C LEU B 44 -17.82 29.80 20.45
N MET B 45 -16.83 29.37 21.24
CA MET B 45 -17.13 28.53 22.40
C MET B 45 -18.24 29.16 23.26
N ASP B 46 -18.11 30.45 23.48
CA ASP B 46 -19.08 31.18 24.28
C ASP B 46 -20.41 31.39 23.52
N VAL B 47 -20.36 31.81 22.26
CA VAL B 47 -21.58 31.94 21.48
C VAL B 47 -22.46 30.71 21.44
N VAL B 48 -21.85 29.54 21.14
CA VAL B 48 -22.60 28.31 20.99
C VAL B 48 -22.55 27.43 22.23
N GLY B 49 -21.91 27.85 23.32
CA GLY B 49 -21.85 26.99 24.51
C GLY B 49 -21.16 25.61 24.25
N ALA B 50 -19.99 25.62 23.59
CA ALA B 50 -19.27 24.40 23.27
C ALA B 50 -17.82 24.67 23.63
N PRO B 51 -17.55 24.83 24.93
CA PRO B 51 -16.15 25.10 25.29
C PRO B 51 -15.23 23.87 25.31
N TRP B 52 -13.95 24.13 25.12
CA TRP B 52 -12.94 23.18 25.57
C TRP B 52 -12.95 23.23 27.10
N PRO B 53 -12.67 22.06 27.76
CA PRO B 53 -12.35 20.76 27.14
C PRO B 53 -13.55 19.84 26.71
N GLU B 54 -14.77 20.16 27.10
CA GLU B 54 -15.93 19.35 26.77
C GLU B 54 -16.09 19.09 25.26
N ALA B 55 -15.75 20.11 24.43
CA ALA B 55 -15.87 19.96 22.98
C ALA B 55 -14.88 18.91 22.39
N HIS B 56 -13.95 18.42 23.19
CA HIS B 56 -13.06 17.39 22.73
C HIS B 56 -13.66 16.03 22.98
N THR B 57 -14.55 15.95 23.98
CA THR B 57 -15.01 14.66 24.60
C THR B 57 -16.46 14.29 24.27
N ASN B 58 -17.23 15.26 23.81
CA ASN B 58 -18.68 15.17 23.63
C ASN B 58 -18.93 15.47 22.14
N PRO B 59 -19.41 14.46 21.38
CA PRO B 59 -19.58 14.61 19.93
C PRO B 59 -20.49 15.75 19.54
N GLU B 60 -21.57 15.96 20.27
CA GLU B 60 -22.51 17.03 19.97
C GLU B 60 -21.85 18.35 20.09
N LEU B 61 -21.06 18.56 21.11
CA LEU B 61 -20.38 19.86 21.28
C LEU B 61 -19.20 20.00 20.38
N MET B 62 -18.53 18.89 20.06
CA MET B 62 -17.43 18.93 19.06
C MET B 62 -17.98 19.40 17.71
N ALA B 63 -19.15 18.88 17.35
CA ALA B 63 -19.77 19.29 16.10
C ALA B 63 -20.21 20.76 16.11
N LYS B 64 -20.77 21.20 17.24
CA LYS B 64 -21.37 22.49 17.29
C LYS B 64 -20.30 23.52 17.16
N LEU B 65 -19.17 23.29 17.82
CA LEU B 65 -18.12 24.30 17.80
C LEU B 65 -17.53 24.43 16.34
N ALA B 66 -17.44 23.27 15.65
CA ALA B 66 -16.86 23.20 14.31
C ALA B 66 -17.80 23.90 13.34
N LEU B 67 -19.08 23.60 13.47
CA LEU B 67 -20.11 24.21 12.65
C LEU B 67 -20.18 25.71 12.82
N ALA B 68 -19.88 26.18 14.04
CA ALA B 68 -19.92 27.60 14.36
C ALA B 68 -18.93 28.40 13.54
N ASN B 69 -17.73 27.87 13.36
CA ASN B 69 -16.68 28.50 12.56
C ASN B 69 -16.78 28.09 11.09
N HIS B 70 -17.99 27.73 10.69
CA HIS B 70 -18.40 27.69 9.29
C HIS B 70 -19.57 28.68 9.12
N GLU B 71 -20.62 28.44 9.89
CA GLU B 71 -21.87 29.22 9.73
C GLU B 71 -21.75 30.70 10.18
N LEU B 72 -20.98 30.99 11.22
CA LEU B 72 -20.72 32.33 11.68
C LEU B 72 -19.50 33.06 11.09
N SER B 73 -18.50 32.33 10.56
CA SER B 73 -17.32 32.98 9.96
C SER B 73 -17.36 33.06 8.44
N GLY B 74 -18.08 32.14 7.78
CA GLY B 74 -18.10 32.03 6.36
C GLY B 74 -16.95 31.19 5.78
N LEU B 75 -16.10 30.60 6.60
CA LEU B 75 -15.06 29.67 6.09
C LEU B 75 -15.80 28.57 5.34
N GLU B 76 -15.21 28.08 4.27
CA GLU B 76 -16.00 27.26 3.30
C GLU B 76 -15.76 25.79 3.45
N ALA B 77 -15.61 25.38 4.69
CA ALA B 77 -15.46 23.98 5.11
C ALA B 77 -15.80 23.90 6.55
N VAL B 78 -15.93 22.68 7.05
CA VAL B 78 -16.05 22.41 8.48
C VAL B 78 -14.90 21.51 8.82
N ARG B 79 -14.10 21.93 9.80
CA ARG B 79 -12.92 21.15 10.25
C ARG B 79 -13.00 20.69 11.73
N LEU B 80 -12.65 19.45 11.98
CA LEU B 80 -12.60 18.87 13.34
C LEU B 80 -11.49 17.82 13.39
N PRO B 81 -10.97 17.48 14.60
CA PRO B 81 -11.32 18.01 15.91
C PRO B 81 -10.42 19.22 16.25
N TYR B 82 -9.97 19.40 17.50
CA TYR B 82 -9.24 20.62 17.90
C TYR B 82 -7.90 20.36 18.50
N LEU B 84 -4.27 17.43 18.41
CA LEU B 84 -3.43 16.49 17.72
C LEU B 84 -3.21 15.23 18.63
N THR B 85 -4.23 14.80 19.36
CA THR B 85 -4.01 13.73 20.39
C THR B 85 -5.01 12.59 20.31
N VAL B 86 -6.03 12.72 19.48
CA VAL B 86 -7.04 11.66 19.44
C VAL B 86 -6.40 10.30 19.10
N LEU B 87 -5.64 10.24 18.00
CA LEU B 87 -5.09 8.97 17.65
C LEU B 87 -3.98 8.48 18.62
N VAL B 88 -3.07 9.35 19.11
CA VAL B 88 -2.00 8.89 19.96
C VAL B 88 -2.63 8.37 21.28
N GLU B 89 -3.73 9.02 21.74
CA GLU B 89 -4.42 8.50 22.93
C GLU B 89 -5.08 7.13 22.67
N ALA B 90 -5.72 6.94 21.53
CA ALA B 90 -6.28 5.63 21.21
C ALA B 90 -5.19 4.54 21.10
N MET B 91 -3.98 4.97 20.76
CA MET B 91 -2.82 4.10 20.68
CA MET B 91 -2.84 4.07 20.68
C MET B 91 -2.12 3.87 22.01
N GLY B 92 -2.62 4.50 23.10
CA GLY B 92 -2.13 4.24 24.50
C GLY B 92 -1.50 5.46 25.19
N CYS B 93 -1.43 6.64 24.54
CA CYS B 93 -0.77 7.83 25.18
C CYS B 93 -1.66 8.41 26.26
N GLU B 94 -1.03 9.00 27.28
CA GLU B 94 -1.79 9.70 28.32
C GLU B 94 -1.81 11.19 27.98
N ILE B 95 -2.99 11.78 28.06
CA ILE B 95 -3.23 13.19 27.55
C ILE B 95 -3.64 14.13 28.68
N ASN B 96 -2.98 15.28 28.80
CA ASN B 96 -3.48 16.40 29.60
C ASN B 96 -4.55 17.15 28.76
N MET B 97 -5.80 17.07 29.19
CA MET B 97 -6.89 17.54 28.29
C MET B 97 -6.99 19.09 28.22
N GLY B 98 -6.19 19.78 29.01
CA GLY B 98 -6.06 21.22 28.85
C GLY B 98 -7.25 22.03 29.44
N THR B 99 -7.39 23.23 28.95
CA THR B 99 -8.40 24.18 29.49
C THR B 99 -9.11 24.82 28.30
N LYS B 100 -9.92 25.85 28.60
CA LYS B 100 -10.64 26.51 27.62
C LYS B 100 -9.75 27.18 26.61
N ASN B 101 -8.54 27.63 26.95
CA ASN B 101 -7.62 28.07 25.90
C ASN B 101 -6.31 27.33 25.67
N ARG B 102 -6.06 26.22 26.35
CA ARG B 102 -4.82 25.44 26.20
C ARG B 102 -5.25 24.08 25.64
N GLN B 103 -4.78 23.75 24.46
CA GLN B 103 -5.19 22.50 23.80
C GLN B 103 -4.65 21.28 24.55
N PRO B 104 -5.30 20.10 24.33
CA PRO B 104 -4.72 18.84 24.79
C PRO B 104 -3.28 18.61 24.34
N SER B 105 -2.47 18.07 25.24
CA SER B 105 -1.08 17.66 24.94
C SER B 105 -0.77 16.27 25.57
N VAL B 106 0.15 15.55 24.96
CA VAL B 106 0.56 14.21 25.51
C VAL B 106 1.50 14.38 26.67
N THR B 107 1.24 13.71 27.79
CA THR B 107 2.13 13.74 28.94
C THR B 107 2.77 12.40 29.15
N GLY B 108 2.16 11.33 28.62
CA GLY B 108 2.69 9.99 28.86
C GLY B 108 2.76 9.19 27.61
N HIS B 109 3.90 8.52 27.49
CA HIS B 109 4.34 7.78 26.28
C HIS B 109 4.42 6.30 26.54
N PRO B 110 3.65 5.48 25.82
CA PRO B 110 3.52 4.05 26.20
C PRO B 110 4.79 3.24 26.00
N TYR B 111 5.73 3.68 25.15
CA TYR B 111 6.90 2.83 24.77
C TYR B 111 8.19 3.60 24.78
N PRO B 112 8.59 4.17 25.92
CA PRO B 112 9.78 5.01 25.82
C PRO B 112 11.13 4.32 25.86
N LYS B 113 11.22 3.05 26.24
CA LYS B 113 12.53 2.42 26.35
C LYS B 113 12.78 1.43 25.24
N ASP B 114 11.69 0.84 24.76
CA ASP B 114 11.73 -0.25 23.80
C ASP B 114 10.30 -0.37 23.25
N LEU B 115 10.14 -1.20 22.21
CA LEU B 115 8.82 -1.43 21.60
C LEU B 115 8.20 -2.79 21.97
N GLU B 116 8.55 -3.37 23.12
CA GLU B 116 7.91 -4.62 23.51
C GLU B 116 6.41 -4.42 23.70
N GLY B 117 5.64 -5.20 22.93
CA GLY B 117 4.21 -5.17 22.93
C GLY B 117 3.58 -4.10 22.11
N ALA B 118 4.39 -3.24 21.48
CA ALA B 118 3.81 -2.18 20.63
C ALA B 118 3.19 -2.76 19.36
N ALA B 119 1.93 -2.46 19.14
CA ALA B 119 1.31 -2.90 17.90
C ALA B 119 0.10 -1.98 17.69
N VAL B 120 -0.54 -2.08 16.53
CA VAL B 120 -1.76 -1.35 16.30
C VAL B 120 -2.91 -2.11 16.96
N PRO B 121 -3.64 -1.44 17.84
CA PRO B 121 -4.73 -2.18 18.44
C PRO B 121 -5.73 -2.75 17.45
N ALA B 122 -6.12 -3.98 17.74
CA ALA B 122 -7.17 -4.67 16.99
C ALA B 122 -8.46 -3.84 17.02
N ASP B 123 -8.71 -3.22 18.16
CA ASP B 123 -9.96 -2.49 18.35
C ASP B 123 -9.70 -0.96 18.28
N LEU B 124 -8.76 -0.54 17.42
CA LEU B 124 -8.29 0.86 17.40
C LEU B 124 -9.44 1.85 17.36
N LEU B 125 -10.38 1.62 16.44
CA LEU B 125 -11.43 2.59 16.13
C LEU B 125 -12.47 2.67 17.22
N GLN B 126 -12.41 1.75 18.20
CA GLN B 126 -13.33 1.78 19.34
C GLN B 126 -12.70 2.51 20.54
N ARG B 127 -11.42 2.85 20.42
CA ARG B 127 -10.63 3.28 21.56
C ARG B 127 -10.56 4.80 21.68
N GLY B 128 -10.37 5.32 22.89
CA GLY B 128 -10.07 6.75 23.04
C GLY B 128 -11.26 7.56 22.64
N ARG B 129 -11.00 8.71 22.00
CA ARG B 129 -12.08 9.53 21.50
C ARG B 129 -12.34 9.34 20.04
N ILE B 130 -11.79 8.27 19.41
CA ILE B 130 -11.99 8.06 17.97
C ILE B 130 -13.48 8.05 17.72
N PRO B 131 -14.23 7.30 18.52
CA PRO B 131 -15.67 7.31 18.27
C PRO B 131 -16.37 8.62 18.38
N VAL B 132 -15.84 9.55 19.20
CA VAL B 132 -16.37 10.88 19.32
C VAL B 132 -16.18 11.63 18.00
N VAL B 133 -14.98 11.57 17.42
CA VAL B 133 -14.70 12.23 16.13
C VAL B 133 -15.57 11.63 14.99
N LEU B 134 -15.63 10.33 14.89
CA LEU B 134 -16.46 9.70 13.88
C LEU B 134 -17.97 10.11 14.03
N GLU B 135 -18.47 10.15 15.24
CA GLU B 135 -19.87 10.55 15.45
C GLU B 135 -20.08 12.04 15.07
N ALA B 136 -19.14 12.90 15.49
CA ALA B 136 -19.21 14.32 15.23
C ALA B 136 -19.23 14.59 13.68
N ILE B 137 -18.39 13.86 12.89
CA ILE B 137 -18.45 13.92 11.40
C ILE B 137 -19.87 13.66 10.96
N LYS B 138 -20.50 12.63 11.47
CA LYS B 138 -21.87 12.29 10.98
C LYS B 138 -22.87 13.33 11.41
N ILE B 139 -22.67 13.91 12.59
CA ILE B 139 -23.53 15.02 13.04
C ILE B 139 -23.40 16.22 12.07
N ILE B 140 -22.15 16.54 11.74
CA ILE B 140 -21.88 17.66 10.88
C ILE B 140 -22.51 17.41 9.50
N ARG B 141 -22.35 16.21 8.94
CA ARG B 141 -22.87 15.98 7.58
C ARG B 141 -24.37 16.08 7.55
N GLU B 142 -25.03 15.65 8.63
CA GLU B 142 -26.49 15.72 8.62
C GLU B 142 -26.96 17.17 8.61
N LYS B 143 -26.19 18.04 9.26
CA LYS B 143 -26.49 19.42 9.35
C LYS B 143 -26.19 20.18 8.02
N VAL B 144 -24.98 20.04 7.48
CA VAL B 144 -24.59 20.89 6.36
C VAL B 144 -25.00 20.33 5.02
N GLY B 145 -25.27 19.03 4.98
CA GLY B 145 -25.68 18.39 3.72
C GLY B 145 -24.50 18.06 2.85
N PRO B 146 -24.79 17.56 1.64
CA PRO B 146 -23.71 16.97 0.88
C PRO B 146 -22.74 17.97 0.21
N ASP B 147 -23.04 19.28 0.20
CA ASP B 147 -22.29 20.23 -0.61
C ASP B 147 -21.27 21.10 0.15
N VAL B 148 -21.11 20.84 1.44
CA VAL B 148 -20.14 21.57 2.22
C VAL B 148 -19.08 20.58 2.61
N PRO B 149 -17.80 20.94 2.39
CA PRO B 149 -16.84 19.88 2.71
C PRO B 149 -16.41 19.80 4.16
N ILE B 150 -16.22 18.56 4.60
CA ILE B 150 -15.70 18.20 5.95
C ILE B 150 -14.22 17.79 5.82
N VAL B 151 -13.39 18.53 6.57
CA VAL B 151 -11.98 18.31 6.64
C VAL B 151 -11.75 17.61 7.98
N GLY B 152 -11.33 16.35 7.93
CA GLY B 152 -10.91 15.63 9.15
C GLY B 152 -9.45 15.91 9.43
N GLY B 153 -9.14 16.54 10.54
CA GLY B 153 -7.76 16.76 10.97
C GLY B 153 -7.18 15.69 11.91
N MET B 154 -5.87 15.50 11.87
CA MET B 154 -5.20 14.56 12.75
C MET B 154 -3.73 14.78 12.74
N GLU B 155 -3.09 14.30 13.80
CA GLU B 155 -1.65 14.22 13.88
C GLU B 155 -1.13 13.28 12.78
N GLY B 156 0.00 13.62 12.23
CA GLY B 156 0.56 12.73 11.23
C GLY B 156 1.42 11.61 11.76
N PRO B 157 1.90 10.74 10.89
CA PRO B 157 2.60 9.55 11.30
C PRO B 157 3.88 9.79 12.06
N VAL B 158 4.62 10.82 11.70
CA VAL B 158 5.84 11.10 12.42
C VAL B 158 5.54 11.44 13.86
N THR B 159 4.58 12.33 14.04
CA THR B 159 4.19 12.83 15.36
C THR B 159 3.63 11.69 16.21
N VAL B 160 2.81 10.85 15.56
CA VAL B 160 2.28 9.69 16.23
C VAL B 160 3.45 8.79 16.73
N ALA B 161 4.44 8.55 15.88
CA ALA B 161 5.54 7.65 16.26
C ALA B 161 6.27 8.29 17.45
N SER B 162 6.53 9.58 17.34
CA SER B 162 7.18 10.36 18.42
CA SER B 162 7.18 10.36 18.42
C SER B 162 6.40 10.33 19.73
N ASP B 163 5.07 10.40 19.65
CA ASP B 163 4.28 10.28 20.87
C ASP B 163 4.20 8.85 21.42
N LEU B 164 4.34 7.83 20.57
CA LEU B 164 4.37 6.50 21.11
C LEU B 164 5.59 6.30 21.98
N VAL B 165 6.70 6.90 21.61
CA VAL B 165 7.95 6.58 22.22
C VAL B 165 8.59 7.68 23.05
N SER B 166 8.02 8.85 22.99
CA SER B 166 8.57 10.11 23.52
C SER B 166 9.48 10.77 22.47
N VAL B 167 9.51 12.09 22.44
CA VAL B 167 10.38 12.76 21.51
C VAL B 167 11.84 12.53 21.90
N LYS B 168 12.14 12.51 23.18
CA LYS B 168 13.51 12.16 23.64
C LYS B 168 14.03 10.80 23.04
N SER B 169 13.21 9.75 23.08
CA SER B 169 13.65 8.43 22.56
C SER B 169 13.68 8.49 21.03
N PHE B 170 12.78 9.29 20.46
CA PHE B 170 12.63 9.29 19.05
C PHE B 170 13.89 9.89 18.38
N MET B 171 14.38 10.97 18.98
CA MET B 171 15.56 11.66 18.48
CA MET B 171 15.55 11.64 18.48
C MET B 171 16.80 10.80 18.72
N LYS B 172 16.87 10.16 19.90
CA LYS B 172 18.00 9.23 20.21
C LYS B 172 18.04 8.06 19.23
N TRP B 173 16.89 7.47 18.95
CA TRP B 173 16.86 6.25 18.12
C TRP B 173 17.17 6.59 16.71
N SER B 174 16.88 7.82 16.34
CA SER B 174 17.13 8.27 14.96
C SER B 174 18.64 8.20 14.66
N ILE B 175 19.50 8.18 15.71
CA ILE B 175 20.99 8.06 15.52
C ILE B 175 21.46 6.64 15.93
N LYS B 176 20.97 6.18 17.08
CA LYS B 176 21.51 5.01 17.74
C LYS B 176 20.71 3.72 17.54
N LYS B 177 19.42 3.83 17.23
CA LYS B 177 18.55 2.64 17.19
C LYS B 177 17.59 2.73 16.03
N THR B 178 18.17 2.75 14.82
CA THR B 178 17.40 3.14 13.64
C THR B 178 16.38 2.08 13.28
N ASP B 179 16.62 0.81 13.61
CA ASP B 179 15.68 -0.26 13.29
C ASP B 179 14.44 -0.12 14.21
N LEU B 180 14.65 0.30 15.46
CA LEU B 180 13.55 0.66 16.34
C LEU B 180 12.79 1.90 15.90
N LEU B 181 13.50 2.95 15.55
CA LEU B 181 12.82 4.11 14.90
C LEU B 181 11.88 3.66 13.74
N GLU B 182 12.41 2.87 12.83
CA GLU B 182 11.59 2.45 11.68
C GLU B 182 10.38 1.56 12.05
N GLN B 183 10.54 0.66 13.04
CA GLN B 183 9.41 -0.11 13.57
C GLN B 183 8.29 0.78 14.19
N ALA B 184 8.66 1.82 14.97
CA ALA B 184 7.71 2.81 15.54
C ALA B 184 7.01 3.58 14.45
N LEU B 185 7.77 4.03 13.46
CA LEU B 185 7.21 4.74 12.26
C LEU B 185 6.25 3.89 11.48
N ASP B 186 6.60 2.64 11.27
CA ASP B 186 5.71 1.76 10.57
C ASP B 186 4.40 1.51 11.30
N ILE B 187 4.47 1.28 12.63
CA ILE B 187 3.27 1.12 13.46
C ILE B 187 2.41 2.37 13.40
N ALA B 188 3.05 3.53 13.54
CA ALA B 188 2.38 4.83 13.49
C ALA B 188 1.67 5.05 12.12
N THR B 189 2.34 4.61 11.05
CA THR B 189 1.82 4.93 9.71
C THR B 189 0.61 4.03 9.47
N GLU B 190 0.70 2.78 9.91
CA GLU B 190 -0.42 1.84 9.82
C GLU B 190 -1.66 2.35 10.53
N ALA B 191 -1.46 2.82 11.77
CA ALA B 191 -2.52 3.28 12.64
C ALA B 191 -3.17 4.56 12.00
N SER B 192 -2.29 5.47 11.54
CA SER B 192 -2.74 6.72 10.83
C SER B 192 -3.63 6.46 9.68
N ILE B 193 -3.25 5.49 8.85
CA ILE B 193 -4.06 5.13 7.70
C ILE B 193 -5.43 4.62 8.08
N ILE B 194 -5.47 3.77 9.09
CA ILE B 194 -6.73 3.19 9.53
C ILE B 194 -7.69 4.29 10.00
N TYR B 195 -7.17 5.22 10.83
CA TYR B 195 -8.01 6.28 11.43
C TYR B 195 -8.46 7.21 10.32
N ALA B 196 -7.51 7.60 9.48
CA ALA B 196 -7.82 8.49 8.34
C ALA B 196 -8.93 7.92 7.47
N ASN B 197 -8.79 6.65 7.05
CA ASN B 197 -9.84 6.00 6.29
C ASN B 197 -11.19 5.80 6.99
N ALA B 198 -11.19 5.59 8.32
CA ALA B 198 -12.43 5.68 9.10
C ALA B 198 -13.09 7.10 9.02
N MET B 199 -12.32 8.18 9.16
CA MET B 199 -12.90 9.52 9.02
C MET B 199 -13.51 9.69 7.64
N VAL B 200 -12.81 9.20 6.60
CA VAL B 200 -13.32 9.26 5.24
C VAL B 200 -14.65 8.52 5.16
N GLU B 201 -14.70 7.32 5.73
CA GLU B 201 -15.90 6.47 5.67
C GLU B 201 -17.06 7.15 6.37
N ALA B 202 -16.78 7.86 7.46
CA ALA B 202 -17.80 8.54 8.20
C ALA B 202 -18.33 9.75 7.47
N GLY B 203 -17.57 10.29 6.53
CA GLY B 203 -18.00 11.39 5.69
C GLY B 203 -17.06 12.57 5.48
N ALA B 204 -15.83 12.46 5.95
CA ALA B 204 -14.84 13.49 5.65
C ALA B 204 -14.44 13.48 4.19
N ASP B 205 -14.25 14.67 3.63
CA ASP B 205 -13.90 14.88 2.23
C ASP B 205 -12.39 15.09 1.98
N VAL B 206 -11.70 15.61 2.97
CA VAL B 206 -10.29 15.89 2.91
C VAL B 206 -9.72 15.44 4.23
N ILE B 207 -8.56 14.77 4.21
CA ILE B 207 -7.86 14.49 5.46
C ILE B 207 -6.67 15.38 5.50
N ALA B 208 -6.59 16.25 6.53
CA ALA B 208 -5.46 17.14 6.71
C ALA B 208 -4.66 16.72 7.90
N ILE B 209 -3.43 16.35 7.70
CA ILE B 209 -2.54 15.91 8.80
C ILE B 209 -1.55 17.00 9.14
N ALA B 210 -1.31 17.18 10.43
CA ALA B 210 -0.34 18.11 10.93
C ALA B 210 0.71 17.25 11.51
N ASP B 211 1.94 17.47 11.05
CA ASP B 211 3.04 16.67 11.53
C ASP B 211 4.23 17.53 12.00
N PRO B 212 4.09 18.15 13.18
CA PRO B 212 5.09 19.08 13.73
C PRO B 212 6.49 18.49 13.97
N VAL B 213 6.54 17.19 14.28
CA VAL B 213 7.79 16.52 14.61
C VAL B 213 8.62 16.41 13.35
N ALA B 214 7.96 16.44 12.20
CA ALA B 214 8.70 16.33 10.92
C ALA B 214 9.42 17.64 10.54
N SER B 215 9.13 18.73 11.24
CA SER B 215 9.73 20.01 10.91
C SER B 215 11.25 19.98 11.05
N PRO B 216 11.96 20.82 10.26
CA PRO B 216 13.41 20.95 10.43
C PRO B 216 13.81 21.66 11.69
N ASP B 217 12.88 22.35 12.36
CA ASP B 217 13.07 22.81 13.76
C ASP B 217 13.34 21.66 14.73
N LEU B 218 12.80 20.47 14.42
CA LEU B 218 12.95 19.29 15.29
C LEU B 218 13.79 18.16 14.66
N MET B 219 13.49 17.72 13.45
CA MET B 219 14.30 16.67 12.81
C MET B 219 15.06 17.21 11.59
N SER B 220 16.28 16.75 11.41
CA SER B 220 17.16 17.24 10.38
C SER B 220 16.58 16.88 9.00
N PRO B 221 16.78 17.76 8.02
CA PRO B 221 16.32 17.44 6.68
C PRO B 221 16.86 16.13 6.14
N ASP B 222 18.09 15.79 6.51
CA ASP B 222 18.64 14.51 6.12
C ASP B 222 17.78 13.39 6.62
N SER B 223 17.33 13.54 7.86
CA SER B 223 16.49 12.57 8.52
C SER B 223 15.13 12.45 7.94
N PHE B 224 14.56 13.60 7.61
CA PHE B 224 13.34 13.63 6.88
C PHE B 224 13.43 12.76 5.65
N ARG B 225 14.50 12.91 4.89
CA ARG B 225 14.67 12.15 3.66
C ARG B 225 14.95 10.68 3.90
N GLN B 226 15.78 10.39 4.89
CA GLN B 226 16.18 9.01 5.25
C GLN B 226 15.02 8.16 5.79
N PHE B 227 14.21 8.74 6.65
CA PHE B 227 13.21 7.99 7.44
C PHE B 227 11.75 8.41 7.28
N LEU B 228 11.50 9.71 7.19
CA LEU B 228 10.11 10.21 7.32
C LEU B 228 9.36 10.26 6.02
N LYS B 229 10.01 10.76 4.97
CA LYS B 229 9.37 10.96 3.68
C LYS B 229 8.61 9.73 3.21
N SER B 230 9.24 8.56 3.24
CA SER B 230 8.63 7.29 2.76
C SER B 230 7.31 6.98 3.51
N ARG B 231 7.28 7.29 4.81
CA ARG B 231 6.08 7.05 5.58
C ARG B 231 5.01 8.07 5.22
N LEU B 232 5.36 9.33 5.10
CA LEU B 232 4.37 10.32 4.65
C LEU B 232 3.80 9.95 3.25
N GLN B 233 4.70 9.49 2.36
CA GLN B 233 4.28 9.05 1.04
CA GLN B 233 4.33 9.04 1.05
C GLN B 233 3.31 7.88 1.13
N LYS B 234 3.59 6.90 2.01
CA LYS B 234 2.74 5.75 2.08
C LYS B 234 1.38 6.13 2.65
N PHE B 235 1.35 7.08 3.59
CA PHE B 235 0.07 7.60 4.12
C PHE B 235 -0.75 8.20 3.00
N ALA B 236 -0.17 9.10 2.26
CA ALA B 236 -0.94 9.78 1.20
C ALA B 236 -1.43 8.77 0.12
N SER B 237 -0.63 7.76 -0.16
CA SER B 237 -1.01 6.77 -1.17
CA SER B 237 -0.97 6.72 -1.14
C SER B 237 -2.13 5.85 -0.71
N SER B 238 -2.24 5.63 0.59
CA SER B 238 -3.20 4.69 1.08
C SER B 238 -4.50 5.27 1.59
N VAL B 239 -4.56 6.58 1.77
CA VAL B 239 -5.79 7.19 2.30
C VAL B 239 -6.73 7.45 1.11
N ASN B 240 -7.97 7.01 1.25
CA ASN B 240 -8.95 7.07 0.17
C ASN B 240 -9.65 8.42 0.02
N SER B 241 -8.89 9.54 0.06
CA SER B 241 -9.48 10.87 -0.24
C SER B 241 -8.36 11.76 -0.58
N VAL B 242 -8.74 12.98 -0.91
CA VAL B 242 -7.82 14.07 -1.05
C VAL B 242 -7.21 14.31 0.34
N THR B 243 -5.93 14.61 0.32
CA THR B 243 -5.12 14.81 1.51
C THR B 243 -4.31 16.11 1.43
N VAL B 244 -4.02 16.63 2.60
CA VAL B 244 -3.21 17.80 2.80
C VAL B 244 -2.22 17.53 3.93
N LEU B 245 -1.00 18.01 3.77
CA LEU B 245 0.06 17.91 4.75
C LEU B 245 0.45 19.30 5.24
N HIS B 246 0.49 19.44 6.54
CA HIS B 246 0.87 20.69 7.20
C HIS B 246 2.00 20.38 8.08
N ILE B 247 3.16 20.96 7.77
CA ILE B 247 4.28 20.84 8.66
C ILE B 247 4.61 22.23 9.14
N CYS B 248 4.73 22.37 10.46
CA CYS B 248 5.01 23.66 11.10
C CYS B 248 6.45 24.16 10.87
N GLY B 249 6.59 25.46 10.96
CA GLY B 249 7.89 26.11 10.99
C GLY B 249 8.37 26.55 9.61
N ASN B 250 9.70 26.74 9.51
CA ASN B 250 10.34 27.09 8.25
C ASN B 250 10.78 25.78 7.57
N VAL B 251 9.87 25.27 6.78
CA VAL B 251 10.08 24.03 6.09
C VAL B 251 10.79 24.15 4.75
N ASN B 252 11.37 25.31 4.43
CA ASN B 252 12.00 25.47 3.17
C ASN B 252 13.00 24.37 2.88
N PRO B 253 13.74 23.97 3.88
CA PRO B 253 14.72 23.00 3.45
C PRO B 253 14.15 21.60 3.18
N ILE B 254 12.86 21.38 3.40
CA ILE B 254 12.24 20.09 3.08
C ILE B 254 10.99 20.24 2.13
N LEU B 255 10.72 21.47 1.70
CA LEU B 255 9.49 21.80 0.93
C LEU B 255 9.39 21.06 -0.37
N SER B 256 10.47 21.00 -1.07
CA SER B 256 10.53 20.22 -2.28
C SER B 256 10.29 18.72 -2.05
N ASP B 257 10.84 18.18 -0.96
CA ASP B 257 10.64 16.76 -0.63
C ASP B 257 9.19 16.52 -0.17
N MET B 258 8.62 17.50 0.52
CA MET B 258 7.21 17.42 0.89
C MET B 258 6.32 17.30 -0.32
N ALA B 259 6.63 18.05 -1.37
CA ALA B 259 5.89 18.00 -2.62
C ALA B 259 5.94 16.65 -3.34
N ASP B 260 7.00 15.89 -3.15
CA ASP B 260 7.13 14.49 -3.63
C ASP B 260 6.30 13.44 -2.89
N CYS B 261 5.62 13.80 -1.80
CA CYS B 261 5.00 12.76 -1.00
C CYS B 261 3.61 12.34 -1.45
N GLY B 262 3.05 13.02 -2.42
CA GLY B 262 1.76 12.57 -2.88
C GLY B 262 0.56 13.22 -2.25
N PHE B 263 0.78 14.28 -1.47
CA PHE B 263 -0.40 15.00 -0.91
C PHE B 263 -0.87 15.96 -1.97
N GLU B 264 -2.19 16.12 -2.08
CA GLU B 264 -2.70 17.06 -3.08
C GLU B 264 -2.29 18.47 -2.68
N GLY B 265 -2.44 18.81 -1.41
CA GLY B 265 -1.96 20.11 -0.93
C GLY B 265 -0.99 20.11 0.24
N LEU B 266 -0.20 21.20 0.29
CA LEU B 266 0.69 21.46 1.38
C LEU B 266 0.26 22.76 2.03
N SER B 267 0.07 22.68 3.38
CA SER B 267 -0.33 23.82 4.22
C SER B 267 0.94 24.34 4.89
N VAL B 268 1.24 25.59 4.63
CA VAL B 268 2.49 26.20 5.08
C VAL B 268 2.15 27.50 5.84
N GLU B 269 3.06 27.83 6.76
CA GLU B 269 3.02 29.05 7.55
C GLU B 269 3.65 30.22 6.77
N GLU B 270 3.41 31.43 7.27
CA GLU B 270 3.97 32.68 6.77
C GLU B 270 5.50 32.71 6.74
N LYS B 271 6.10 32.00 7.67
CA LYS B 271 7.55 31.98 7.86
C LYS B 271 8.35 31.51 6.65
N ILE B 272 7.80 30.63 5.82
CA ILE B 272 8.53 30.14 4.65
C ILE B 272 8.83 31.28 3.65
N GLY B 273 8.15 32.41 3.78
CA GLY B 273 8.26 33.47 2.75
C GLY B 273 6.95 33.61 1.97
N SER B 274 7.00 34.23 0.79
CA SER B 274 5.73 34.50 0.07
C SER B 274 5.11 33.20 -0.50
N ALA B 275 3.81 33.24 -0.73
CA ALA B 275 3.15 32.21 -1.52
C ALA B 275 3.74 32.07 -2.95
N LYS B 276 4.07 33.16 -3.61
CA LYS B 276 4.70 33.12 -4.92
C LYS B 276 5.97 32.26 -4.92
N LYS B 277 6.81 32.44 -3.88
CA LYS B 277 8.08 31.69 -3.82
CA LYS B 277 8.08 31.70 -3.80
C LYS B 277 7.83 30.23 -3.49
N GLY B 278 6.89 29.96 -2.61
CA GLY B 278 6.42 28.62 -2.34
C GLY B 278 6.00 27.89 -3.59
N LYS B 279 5.19 28.59 -4.41
CA LYS B 279 4.69 27.94 -5.59
C LYS B 279 5.81 27.62 -6.60
N GLU B 280 6.79 28.53 -6.71
CA GLU B 280 7.95 28.30 -7.53
C GLU B 280 8.61 26.99 -7.14
N VAL B 281 8.79 26.76 -5.82
CA VAL B 281 9.50 25.55 -5.31
C VAL B 281 8.72 24.28 -5.61
N ILE B 282 7.43 24.29 -5.37
CA ILE B 282 6.65 23.05 -5.53
C ILE B 282 6.20 22.79 -6.95
N GLY B 283 6.22 23.84 -7.82
CA GLY B 283 5.89 23.60 -9.21
C GLY B 283 4.49 23.06 -9.45
N THR B 284 4.42 21.93 -10.13
CA THR B 284 3.19 21.28 -10.47
C THR B 284 2.91 20.11 -9.48
N ARG B 285 3.78 19.88 -8.50
CA ARG B 285 3.75 18.61 -7.77
C ARG B 285 2.69 18.58 -6.68
N ALA B 286 2.32 19.75 -6.15
CA ALA B 286 1.34 19.92 -5.09
C ALA B 286 0.79 21.35 -5.16
N ARG B 287 -0.40 21.56 -4.57
CA ARG B 287 -1.01 22.86 -4.39
C ARG B 287 -0.70 23.42 -3.02
N LEU B 288 -0.81 24.75 -2.93
CA LEU B 288 -0.36 25.46 -1.77
C LEU B 288 -1.56 26.03 -1.05
N VAL B 289 -1.61 25.73 0.29
CA VAL B 289 -2.69 26.09 1.17
C VAL B 289 -2.15 27.04 2.22
N GLY B 290 -2.77 28.18 2.40
CA GLY B 290 -2.26 29.06 3.46
C GLY B 290 -2.56 30.48 3.10
N ASN B 291 -1.78 31.45 3.55
CA ASN B 291 -0.67 31.33 4.49
C ASN B 291 -0.66 32.46 5.58
N VAL B 292 -1.83 32.92 6.00
CA VAL B 292 -1.90 34.15 6.81
C VAL B 292 -1.51 33.74 8.24
N SER B 293 -0.56 34.46 8.84
CA SER B 293 0.04 34.11 10.12
C SER B 293 -1.00 34.04 11.19
N SER B 294 -1.13 32.87 11.82
CA SER B 294 -2.05 32.71 12.95
C SER B 294 -1.68 33.58 14.13
N PRO B 295 -0.43 33.45 14.60
CA PRO B 295 -0.04 34.24 15.79
C PRO B 295 0.18 35.73 15.59
N PHE B 296 0.68 36.13 14.43
CA PHE B 296 1.09 37.52 14.23
C PHE B 296 0.20 38.34 13.30
N THR B 297 -0.87 37.76 12.75
CA THR B 297 -1.82 38.54 11.94
C THR B 297 -3.24 38.24 12.27
N LEU B 298 -3.63 36.98 12.11
CA LEU B 298 -5.01 36.62 12.40
C LEU B 298 -5.40 36.87 13.86
N LEU B 299 -4.50 36.60 14.80
CA LEU B 299 -4.82 36.69 16.21
C LEU B 299 -4.92 38.15 16.61
N PRO B 300 -3.84 38.95 16.40
CA PRO B 300 -3.92 40.38 16.81
C PRO B 300 -4.75 41.26 15.91
N GLY B 301 -4.92 40.86 14.66
CA GLY B 301 -5.49 41.79 13.69
C GLY B 301 -4.47 42.89 13.36
N PRO B 302 -4.93 44.02 12.84
CA PRO B 302 -6.35 44.43 12.62
C PRO B 302 -6.96 43.81 11.42
N VAL B 303 -8.27 43.91 11.29
CA VAL B 303 -8.97 43.34 10.13
C VAL B 303 -8.28 43.75 8.81
N ASP B 304 -7.98 45.02 8.66
CA ASP B 304 -7.34 45.47 7.44
C ASP B 304 -5.95 44.88 7.12
N LYS B 305 -5.20 44.52 8.16
CA LYS B 305 -3.90 43.85 7.95
C LYS B 305 -4.09 42.41 7.44
N ILE B 306 -5.05 41.72 8.07
CA ILE B 306 -5.49 40.42 7.62
C ILE B 306 -5.87 40.45 6.14
N LYS B 307 -6.74 41.39 5.78
CA LYS B 307 -7.15 41.49 4.41
C LYS B 307 -5.98 41.70 3.45
N ALA B 308 -5.07 42.56 3.83
CA ALA B 308 -3.99 42.93 2.92
C ALA B 308 -3.07 41.71 2.70
N GLU B 309 -2.77 41.00 3.75
CA GLU B 309 -1.94 39.77 3.71
C GLU B 309 -2.59 38.61 2.95
N ALA B 310 -3.89 38.52 3.04
CA ALA B 310 -4.63 37.55 2.28
C ALA B 310 -4.62 37.89 0.82
N LYS B 311 -4.80 39.17 0.49
CA LYS B 311 -4.72 39.62 -0.89
C LYS B 311 -3.39 39.31 -1.51
N GLU B 312 -2.33 39.53 -0.76
CA GLU B 312 -1.00 39.22 -1.21
C GLU B 312 -0.87 37.71 -1.53
N ALA B 313 -1.49 36.90 -0.70
CA ALA B 313 -1.42 35.44 -0.93
C ALA B 313 -2.20 34.99 -2.19
N LEU B 314 -3.36 35.62 -2.38
CA LEU B 314 -4.20 35.37 -3.53
C LEU B 314 -3.49 35.77 -4.81
N GLU B 315 -2.86 36.93 -4.78
CA GLU B 315 -2.06 37.45 -5.92
C GLU B 315 -0.87 36.60 -6.28
N GLY B 316 -0.27 35.97 -5.29
CA GLY B 316 0.88 35.14 -5.49
C GLY B 316 0.53 33.73 -5.86
N GLY B 317 -0.76 33.45 -5.99
CA GLY B 317 -1.25 32.19 -6.54
C GLY B 317 -1.63 31.11 -5.54
N ILE B 318 -1.93 31.46 -4.30
CA ILE B 318 -2.33 30.44 -3.33
C ILE B 318 -3.54 29.70 -3.87
N ASP B 319 -3.64 28.39 -3.62
CA ASP B 319 -4.66 27.53 -4.24
C ASP B 319 -5.91 27.46 -3.37
N VAL B 320 -5.67 27.52 -2.05
CA VAL B 320 -6.68 27.57 -1.00
C VAL B 320 -6.22 28.64 -0.01
N LEU B 321 -6.98 29.71 0.12
CA LEU B 321 -6.70 30.75 1.10
C LEU B 321 -7.05 30.26 2.52
N ALA B 322 -6.08 30.30 3.41
CA ALA B 322 -6.28 29.75 4.77
C ALA B 322 -5.30 30.33 5.80
N PRO B 323 -5.58 30.10 7.11
CA PRO B 323 -4.59 30.40 8.14
C PRO B 323 -3.36 29.54 7.92
N GLY B 324 -2.21 30.09 8.29
CA GLY B 324 -0.93 29.44 8.15
C GLY B 324 -0.71 28.29 9.12
N CYS B 325 -1.31 28.35 10.29
CA CYS B 325 -1.24 27.27 11.30
C CYS B 325 -2.59 27.18 11.97
N GLY B 326 -2.70 26.43 13.06
CA GLY B 326 -4.02 26.38 13.74
C GLY B 326 -4.44 27.79 14.12
N ILE B 327 -5.73 28.09 14.07
CA ILE B 327 -6.21 29.36 14.53
C ILE B 327 -5.97 29.52 16.07
N ALA B 328 -5.35 30.62 16.48
CA ALA B 328 -5.10 30.81 17.91
C ALA B 328 -6.48 30.91 18.58
N PRO B 329 -6.67 30.19 19.71
CA PRO B 329 -7.98 30.23 20.35
C PRO B 329 -8.54 31.58 20.67
N MET B 330 -7.71 32.57 21.04
CA MET B 330 -8.23 33.89 21.32
C MET B 330 -8.50 34.81 20.09
N THR B 331 -8.43 34.23 18.89
CA THR B 331 -8.64 34.98 17.69
C THR B 331 -10.10 35.47 17.65
N PRO B 332 -10.33 36.75 17.42
CA PRO B 332 -11.74 37.26 17.36
C PRO B 332 -12.44 36.76 16.11
N LEU B 333 -13.72 36.48 16.22
CA LEU B 333 -14.52 36.07 15.05
C LEU B 333 -14.36 37.03 13.89
N GLU B 334 -14.42 38.33 14.14
CA GLU B 334 -14.26 39.28 13.04
C GLU B 334 -12.91 39.16 12.29
N ASN B 335 -11.85 38.69 12.95
CA ASN B 335 -10.56 38.50 12.28
C ASN B 335 -10.57 37.27 11.35
N VAL B 336 -11.34 36.25 11.67
CA VAL B 336 -11.56 35.12 10.74
C VAL B 336 -12.42 35.60 9.55
N LYS B 337 -13.48 36.35 9.81
CA LYS B 337 -14.31 36.87 8.72
C LYS B 337 -13.55 37.78 7.72
N ALA B 338 -12.51 38.45 8.19
CA ALA B 338 -11.70 39.26 7.35
C ALA B 338 -11.05 38.43 6.23
N LEU B 339 -10.68 37.16 6.53
CA LEU B 339 -10.07 36.27 5.55
C LEU B 339 -11.04 36.04 4.43
N VAL B 340 -12.28 35.79 4.80
CA VAL B 340 -13.28 35.49 3.84
C VAL B 340 -13.58 36.77 3.03
N ALA B 341 -13.60 37.92 3.72
CA ALA B 341 -13.83 39.21 3.03
C ALA B 341 -12.75 39.51 1.97
N ALA B 342 -11.51 39.17 2.31
CA ALA B 342 -10.38 39.41 1.39
C ALA B 342 -10.56 38.64 0.05
N ARG B 343 -11.04 37.41 0.18
CA ARG B 343 -11.24 36.56 -0.96
C ARG B 343 -12.35 37.16 -1.77
N ASP B 344 -13.43 37.57 -1.11
CA ASP B 344 -14.55 38.13 -1.86
C ASP B 344 -14.17 39.42 -2.64
N GLU B 345 -13.41 40.28 -1.99
CA GLU B 345 -12.91 41.51 -2.53
C GLU B 345 -12.06 41.30 -3.77
N PHE B 346 -11.38 40.15 -3.85
CA PHE B 346 -10.45 39.85 -4.98
C PHE B 346 -11.17 39.63 -6.27
N TYR B 347 -12.38 39.10 -6.16
CA TYR B 347 -13.20 38.73 -7.34
C TYR B 347 -14.26 39.81 -7.69
N ALA B 348 -14.15 40.93 -6.95
CA ALA B 348 -14.67 42.28 -7.29
C ALA B 348 -16.06 42.20 -7.93
#